data_8V8F
#
_entry.id   8V8F
#
_cell.length_a   54.467
_cell.length_b   61.824
_cell.length_c   85.577
_cell.angle_alpha   68.834
_cell.angle_beta   77.898
_cell.angle_gamma   71.375
#
_symmetry.space_group_name_H-M   'P 1'
#
loop_
_entity.id
_entity.type
_entity.pdbx_description
1 polymer 'anti-HIV scFv'
2 polymer Utag
3 non-polymer 'SULFATE ION'
4 water water
#
loop_
_entity_poly.entity_id
_entity_poly.type
_entity_poly.pdbx_seq_one_letter_code
_entity_poly.pdbx_strand_id
1 'polypeptide(L)'
;MAEVKLVESGGGLVKPGGSLKLSCAASGFTFSRFGMHWVRQTPEKRLEWVAYISSGSSTIYYADTVKGRFTISRDNAKNT
LYLQMSSLRSEDTAIYYCARSGGIERYDGTYYVMDYWGQGTTLTVSSGGGGSGGGGSGGGGSDIVLTQSPASLTVSLGQR
ATISCRASESVDYYGKSFMNWYQQKPGQPPKLLIYAASNQGSGIPARFSGSGSGTDFTLNIHPVEEEDAATYYCQQSKEV
PWTFGAGTKLEIKRAAAKGEFGGGGSGGGGSENLYFQ
;
B,A,C,D
2 'polypeptide(L)' MSLPGRWKPKM E,F,G,H
#
# COMPACT_ATOMS: atom_id res chain seq x y z
N GLU A 3 -6.70 -45.75 6.87
CA GLU A 3 -8.03 -46.23 6.51
C GLU A 3 -8.72 -45.25 5.58
N VAL A 4 -8.64 -43.97 5.91
CA VAL A 4 -9.27 -42.93 5.10
C VAL A 4 -8.38 -42.64 3.90
N LYS A 5 -8.98 -42.60 2.72
CA LYS A 5 -8.24 -42.44 1.48
C LYS A 5 -8.94 -41.48 0.56
N LEU A 6 -8.16 -40.68 -0.16
CA LEU A 6 -8.66 -39.80 -1.21
C LEU A 6 -7.70 -39.91 -2.39
N VAL A 7 -8.23 -40.21 -3.56
CA VAL A 7 -7.43 -40.45 -4.75
C VAL A 7 -7.93 -39.52 -5.85
N GLU A 8 -7.19 -38.45 -6.12
CA GLU A 8 -7.49 -37.54 -7.22
C GLU A 8 -6.98 -38.10 -8.53
N SER A 9 -7.60 -37.65 -9.63
CA SER A 9 -7.20 -38.08 -10.96
C SER A 9 -7.81 -37.13 -11.98
N GLY A 10 -7.26 -37.17 -13.20
CA GLY A 10 -7.78 -36.45 -14.34
C GLY A 10 -6.93 -35.32 -14.86
N GLY A 11 -5.73 -35.11 -14.32
CA GLY A 11 -4.90 -34.00 -14.75
C GLY A 11 -4.25 -34.19 -16.11
N GLY A 12 -3.06 -33.65 -16.30
CA GLY A 12 -2.33 -33.81 -17.54
C GLY A 12 -2.20 -32.50 -18.30
N LEU A 13 -1.66 -32.61 -19.51
CA LEU A 13 -1.46 -31.44 -20.35
C LEU A 13 -2.74 -31.14 -21.14
N VAL A 14 -3.08 -29.85 -21.21
CA VAL A 14 -4.27 -29.40 -21.93
C VAL A 14 -3.97 -28.03 -22.51
N LYS A 15 -4.49 -27.79 -23.71
CA LYS A 15 -4.35 -26.48 -24.32
C LYS A 15 -5.25 -25.48 -23.58
N PRO A 16 -4.92 -24.19 -23.65
CA PRO A 16 -5.76 -23.17 -23.02
C PRO A 16 -7.17 -23.14 -23.61
N GLY A 17 -8.14 -22.80 -22.76
CA GLY A 17 -9.52 -22.73 -23.16
C GLY A 17 -10.24 -24.05 -23.25
N GLY A 18 -9.58 -25.17 -22.94
CA GLY A 18 -10.21 -26.46 -23.01
C GLY A 18 -11.07 -26.75 -21.80
N SER A 19 -11.62 -27.96 -21.78
CA SER A 19 -12.45 -28.42 -20.69
C SER A 19 -11.87 -29.70 -20.11
N LEU A 20 -12.15 -29.92 -18.83
CA LEU A 20 -11.55 -31.03 -18.09
C LEU A 20 -12.32 -31.19 -16.79
N LYS A 21 -12.42 -32.43 -16.33
CA LYS A 21 -13.09 -32.73 -15.08
C LYS A 21 -12.20 -33.63 -14.25
N LEU A 22 -11.96 -33.23 -12.99
CA LEU A 22 -11.22 -34.04 -12.05
C LEU A 22 -12.17 -34.89 -11.20
N SER A 23 -11.64 -36.00 -10.71
CA SER A 23 -12.38 -36.91 -9.85
C SER A 23 -11.56 -37.24 -8.61
N CYS A 24 -12.25 -37.53 -7.52
CA CYS A 24 -11.61 -38.00 -6.30
C CYS A 24 -12.44 -39.14 -5.72
N ALA A 25 -11.83 -40.31 -5.59
CA ALA A 25 -12.48 -41.47 -5.01
C ALA A 25 -12.19 -41.51 -3.51
N ALA A 26 -13.24 -41.47 -2.70
CA ALA A 26 -13.10 -41.46 -1.25
C ALA A 26 -13.43 -42.84 -0.68
N SER A 27 -12.68 -43.26 0.32
CA SER A 27 -12.88 -44.55 0.96
C SER A 27 -12.33 -44.49 2.37
N GLY A 28 -12.88 -45.36 3.24
CA GLY A 28 -12.47 -45.41 4.62
C GLY A 28 -13.27 -44.54 5.56
N PHE A 29 -14.25 -43.80 5.05
CA PHE A 29 -15.11 -42.97 5.89
C PHE A 29 -16.46 -42.80 5.20
N THR A 30 -17.45 -42.40 5.98
CA THR A 30 -18.78 -42.17 5.42
C THR A 30 -18.79 -40.87 4.62
N PHE A 31 -18.51 -40.98 3.32
CA PHE A 31 -18.33 -39.82 2.46
C PHE A 31 -19.52 -38.86 2.51
N SER A 32 -20.74 -39.41 2.55
CA SER A 32 -21.94 -38.58 2.45
C SER A 32 -22.11 -37.64 3.65
N ARG A 33 -21.33 -37.81 4.72
CA ARG A 33 -21.49 -37.00 5.92
C ARG A 33 -20.43 -35.91 6.05
N PHE A 34 -19.65 -35.66 5.01
CA PHE A 34 -18.56 -34.69 5.09
C PHE A 34 -18.60 -33.73 3.91
N GLY A 35 -18.42 -32.44 4.20
CA GLY A 35 -18.14 -31.49 3.16
C GLY A 35 -16.76 -31.74 2.57
N MET A 36 -16.58 -31.33 1.32
CA MET A 36 -15.36 -31.61 0.59
C MET A 36 -14.79 -30.34 -0.02
N HIS A 37 -13.47 -30.30 -0.14
CA HIS A 37 -12.76 -29.14 -0.68
C HIS A 37 -11.92 -29.56 -1.88
N TRP A 38 -11.70 -28.60 -2.78
CA TRP A 38 -10.64 -28.67 -3.78
C TRP A 38 -9.66 -27.55 -3.47
N VAL A 39 -8.39 -27.89 -3.30
CA VAL A 39 -7.34 -26.91 -3.06
C VAL A 39 -6.21 -27.21 -4.03
N ARG A 40 -5.70 -26.17 -4.69
CA ARG A 40 -4.65 -26.32 -5.69
C ARG A 40 -3.38 -25.63 -5.21
N GLN A 41 -2.23 -26.15 -5.67
CA GLN A 41 -0.93 -25.62 -5.31
C GLN A 41 -0.18 -25.24 -6.58
N THR A 42 0.13 -23.95 -6.72
CA THR A 42 0.83 -23.44 -7.88
C THR A 42 2.26 -23.96 -7.91
N PRO A 43 2.93 -23.88 -9.07
CA PRO A 43 4.34 -24.27 -9.12
C PRO A 43 5.22 -23.45 -8.21
N GLU A 44 4.76 -22.29 -7.74
CA GLU A 44 5.49 -21.53 -6.73
C GLU A 44 5.22 -22.04 -5.33
N LYS A 45 4.49 -23.15 -5.23
CA LYS A 45 4.19 -23.82 -3.97
C LYS A 45 3.30 -22.98 -3.07
N ARG A 46 2.42 -22.17 -3.67
CA ARG A 46 1.47 -21.35 -2.95
C ARG A 46 0.11 -22.03 -2.98
N LEU A 47 -0.52 -22.17 -1.81
CA LEU A 47 -1.80 -22.87 -1.70
C LEU A 47 -2.93 -21.89 -1.94
N GLU A 48 -3.87 -22.28 -2.81
CA GLU A 48 -5.02 -21.47 -3.17
C GLU A 48 -6.26 -22.35 -3.11
N TRP A 49 -7.19 -22.00 -2.22
CA TRP A 49 -8.46 -22.71 -2.12
C TRP A 49 -9.31 -22.51 -3.37
N VAL A 50 -9.90 -23.60 -3.86
CA VAL A 50 -10.61 -23.61 -5.14
C VAL A 50 -12.13 -23.66 -4.94
N ALA A 51 -12.64 -24.71 -4.29
CA ALA A 51 -14.08 -24.86 -4.16
C ALA A 51 -14.42 -25.70 -2.93
N TYR A 52 -15.65 -25.55 -2.47
CA TYR A 52 -16.18 -26.32 -1.35
C TYR A 52 -17.62 -26.71 -1.63
N ILE A 53 -18.00 -27.90 -1.19
CA ILE A 53 -19.38 -28.37 -1.26
C ILE A 53 -19.72 -29.08 0.04
N SER A 54 -20.92 -28.81 0.56
CA SER A 54 -21.35 -29.43 1.81
C SER A 54 -21.72 -30.90 1.58
N SER A 55 -21.87 -31.63 2.69
CA SER A 55 -22.15 -33.06 2.61
C SER A 55 -23.42 -33.34 1.83
N GLY A 56 -24.48 -32.57 2.09
CA GLY A 56 -25.71 -32.72 1.34
C GLY A 56 -25.77 -31.89 0.07
N SER A 57 -24.70 -31.15 -0.23
CA SER A 57 -24.61 -30.32 -1.43
C SER A 57 -25.65 -29.21 -1.41
N SER A 58 -25.90 -28.65 -0.22
CA SER A 58 -26.80 -27.52 -0.07
C SER A 58 -26.08 -26.19 -0.13
N THR A 59 -24.76 -26.16 0.08
CA THR A 59 -23.98 -24.94 0.06
C THR A 59 -22.71 -25.17 -0.74
N ILE A 60 -22.44 -24.27 -1.68
CA ILE A 60 -21.29 -24.36 -2.58
C ILE A 60 -20.59 -23.02 -2.63
N TYR A 61 -19.26 -23.03 -2.44
CA TYR A 61 -18.43 -21.84 -2.51
C TYR A 61 -17.37 -22.02 -3.59
N TYR A 62 -17.05 -20.95 -4.31
CA TYR A 62 -15.97 -20.94 -5.28
C TYR A 62 -15.06 -19.74 -5.03
N ALA A 63 -13.77 -19.92 -5.31
CA ALA A 63 -12.86 -18.79 -5.34
C ALA A 63 -13.19 -17.87 -6.51
N ASP A 64 -12.87 -16.58 -6.36
CA ASP A 64 -13.21 -15.62 -7.41
C ASP A 64 -12.43 -15.87 -8.69
N THR A 65 -11.26 -16.51 -8.60
CA THR A 65 -10.46 -16.76 -9.79
C THR A 65 -11.02 -17.88 -10.64
N VAL A 66 -11.90 -18.71 -10.09
CA VAL A 66 -12.43 -19.87 -10.80
C VAL A 66 -13.95 -19.84 -10.93
N LYS A 67 -14.62 -18.81 -10.40
CA LYS A 67 -16.08 -18.79 -10.43
C LYS A 67 -16.59 -18.73 -11.86
N GLY A 68 -17.69 -19.42 -12.12
CA GLY A 68 -18.26 -19.47 -13.44
C GLY A 68 -17.64 -20.52 -14.34
N ARG A 69 -16.30 -20.61 -14.34
CA ARG A 69 -15.63 -21.58 -15.20
C ARG A 69 -15.56 -22.95 -14.56
N PHE A 70 -15.57 -23.03 -13.23
CA PHE A 70 -15.45 -24.29 -12.52
C PHE A 70 -16.80 -24.69 -11.92
N THR A 71 -16.99 -26.00 -11.77
CA THR A 71 -18.22 -26.53 -11.17
C THR A 71 -17.83 -27.71 -10.29
N ILE A 72 -18.16 -27.62 -9.01
CA ILE A 72 -17.91 -28.70 -8.06
C ILE A 72 -19.22 -29.45 -7.82
N SER A 73 -19.12 -30.77 -7.72
CA SER A 73 -20.28 -31.62 -7.50
C SER A 73 -19.80 -32.90 -6.84
N ARG A 74 -20.75 -33.72 -6.38
CA ARG A 74 -20.42 -34.94 -5.67
C ARG A 74 -21.48 -36.00 -5.96
N ASP A 75 -21.06 -37.26 -5.92
CA ASP A 75 -21.93 -38.42 -6.08
C ASP A 75 -21.74 -39.27 -4.82
N ASN A 76 -22.62 -39.05 -3.84
CA ASN A 76 -22.49 -39.75 -2.57
C ASN A 76 -22.70 -41.26 -2.69
N ALA A 77 -23.41 -41.71 -3.73
CA ALA A 77 -23.58 -43.14 -3.93
C ALA A 77 -22.27 -43.80 -4.34
N LYS A 78 -21.45 -43.10 -5.13
CA LYS A 78 -20.18 -43.62 -5.60
C LYS A 78 -18.99 -43.14 -4.77
N ASN A 79 -19.23 -42.32 -3.75
CA ASN A 79 -18.15 -41.76 -2.93
C ASN A 79 -17.11 -41.07 -3.79
N THR A 80 -17.57 -40.23 -4.71
CA THR A 80 -16.70 -39.54 -5.66
C THR A 80 -17.00 -38.05 -5.66
N LEU A 81 -15.94 -37.25 -5.72
CA LEU A 81 -16.03 -35.81 -5.82
C LEU A 81 -15.48 -35.36 -7.16
N TYR A 82 -16.11 -34.35 -7.76
CA TYR A 82 -15.77 -33.91 -9.10
C TYR A 82 -15.45 -32.41 -9.12
N LEU A 83 -14.61 -32.02 -10.07
CA LEU A 83 -14.35 -30.61 -10.36
C LEU A 83 -14.31 -30.48 -11.88
N GLN A 84 -15.40 -30.00 -12.46
CA GLN A 84 -15.46 -29.74 -13.89
C GLN A 84 -14.86 -28.37 -14.18
N MET A 85 -13.87 -28.32 -15.06
CA MET A 85 -13.21 -27.07 -15.44
C MET A 85 -13.46 -26.77 -16.91
N SER A 86 -13.62 -25.48 -17.22
CA SER A 86 -13.81 -25.03 -18.58
C SER A 86 -13.14 -23.67 -18.72
N SER A 87 -12.92 -23.26 -19.97
CA SER A 87 -12.18 -22.03 -20.27
C SER A 87 -10.85 -22.01 -19.52
N LEU A 88 -10.11 -23.11 -19.65
CA LEU A 88 -8.89 -23.28 -18.88
C LEU A 88 -7.85 -22.23 -19.25
N ARG A 89 -7.14 -21.76 -18.24
CA ARG A 89 -6.09 -20.77 -18.42
C ARG A 89 -4.77 -21.30 -17.88
N SER A 90 -3.67 -20.67 -18.31
CA SER A 90 -2.35 -21.08 -17.84
C SER A 90 -2.20 -20.92 -16.33
N GLU A 91 -2.92 -19.95 -15.76
CA GLU A 91 -2.90 -19.73 -14.32
C GLU A 91 -3.48 -20.90 -13.56
N ASP A 92 -4.27 -21.75 -14.21
CA ASP A 92 -4.84 -22.92 -13.57
C ASP A 92 -3.83 -24.05 -13.40
N THR A 93 -2.61 -23.90 -13.92
CA THR A 93 -1.58 -24.92 -13.78
C THR A 93 -1.22 -25.08 -12.31
N ALA A 94 -1.51 -26.24 -11.74
CA ALA A 94 -1.29 -26.48 -10.32
C ALA A 94 -1.50 -27.95 -10.03
N ILE A 95 -1.10 -28.35 -8.83
CA ILE A 95 -1.45 -29.66 -8.29
C ILE A 95 -2.76 -29.49 -7.53
N TYR A 96 -3.77 -30.26 -7.88
CA TYR A 96 -5.10 -30.12 -7.32
C TYR A 96 -5.31 -31.20 -6.26
N TYR A 97 -5.49 -30.78 -5.02
CA TYR A 97 -5.75 -31.68 -3.91
C TYR A 97 -7.23 -31.70 -3.56
N CYS A 98 -7.69 -32.85 -3.08
CA CYS A 98 -9.01 -32.97 -2.49
C CYS A 98 -8.86 -33.09 -0.97
N ALA A 99 -9.57 -32.23 -0.24
CA ALA A 99 -9.45 -32.17 1.21
C ALA A 99 -10.82 -32.38 1.84
N ARG A 100 -10.88 -33.24 2.85
CA ARG A 100 -12.11 -33.48 3.59
C ARG A 100 -12.32 -32.40 4.64
N SER A 101 -13.56 -31.96 4.80
CA SER A 101 -13.93 -31.02 5.85
C SER A 101 -14.30 -31.82 7.09
N GLY A 102 -13.33 -31.99 7.99
CA GLY A 102 -13.55 -32.77 9.19
C GLY A 102 -14.04 -31.91 10.34
N GLY A 103 -15.11 -32.39 11.01
CA GLY A 103 -15.68 -31.67 12.12
C GLY A 103 -15.06 -32.13 13.43
N ILE A 104 -14.58 -31.16 14.21
CA ILE A 104 -13.99 -31.42 15.52
C ILE A 104 -14.92 -30.84 16.57
N GLU A 105 -15.44 -31.71 17.45
CA GLU A 105 -16.42 -31.27 18.43
C GLU A 105 -15.71 -30.65 19.62
N ARG A 106 -16.11 -29.44 19.98
CA ARG A 106 -15.61 -28.75 21.15
C ARG A 106 -16.74 -28.61 22.17
N TYR A 107 -16.46 -27.94 23.28
CA TYR A 107 -17.48 -27.78 24.31
C TYR A 107 -18.62 -26.88 23.83
N ASP A 108 -18.32 -25.90 22.98
CA ASP A 108 -19.31 -24.92 22.54
C ASP A 108 -19.80 -25.14 21.12
N GLY A 109 -19.22 -26.08 20.37
CA GLY A 109 -19.67 -26.31 19.02
C GLY A 109 -18.68 -27.18 18.25
N THR A 110 -18.92 -27.28 16.95
CA THR A 110 -18.13 -28.10 16.06
C THR A 110 -17.28 -27.21 15.16
N TYR A 111 -15.98 -27.50 15.10
CA TYR A 111 -15.01 -26.76 14.31
C TYR A 111 -14.60 -27.59 13.10
N TYR A 112 -14.68 -26.99 11.91
CA TYR A 112 -14.43 -27.70 10.67
C TYR A 112 -13.09 -27.27 10.09
N VAL A 113 -12.27 -28.25 9.70
CA VAL A 113 -10.92 -28.00 9.23
C VAL A 113 -10.59 -29.04 8.16
N MET A 114 -9.69 -28.68 7.25
CA MET A 114 -9.22 -29.60 6.22
C MET A 114 -8.27 -30.58 6.88
N ASP A 115 -8.80 -31.73 7.30
CA ASP A 115 -8.05 -32.66 8.13
C ASP A 115 -7.40 -33.80 7.35
N TYR A 116 -7.94 -34.17 6.20
CA TYR A 116 -7.38 -35.24 5.39
C TYR A 116 -7.25 -34.76 3.95
N TRP A 117 -6.09 -35.00 3.35
CA TRP A 117 -5.79 -34.56 2.00
C TRP A 117 -5.34 -35.75 1.16
N GLY A 118 -5.70 -35.72 -0.13
CA GLY A 118 -5.22 -36.73 -1.04
C GLY A 118 -3.84 -36.39 -1.60
N GLN A 119 -3.29 -37.34 -2.35
CA GLN A 119 -1.98 -37.12 -2.94
C GLN A 119 -2.01 -36.05 -4.02
N GLY A 120 -3.16 -35.83 -4.63
CA GLY A 120 -3.31 -34.76 -5.60
C GLY A 120 -3.05 -35.22 -7.02
N THR A 121 -3.69 -34.54 -7.97
CA THR A 121 -3.48 -34.75 -9.38
C THR A 121 -2.95 -33.45 -9.98
N THR A 122 -2.07 -33.58 -10.97
CA THR A 122 -1.35 -32.43 -11.52
C THR A 122 -2.02 -31.98 -12.82
N LEU A 123 -2.25 -30.68 -12.94
CA LEU A 123 -2.80 -30.08 -14.15
C LEU A 123 -1.80 -29.09 -14.73
N THR A 124 -1.57 -29.16 -16.03
CA THR A 124 -0.63 -28.28 -16.71
C THR A 124 -1.29 -27.70 -17.96
N VAL A 125 -1.41 -26.37 -18.01
CA VAL A 125 -1.96 -25.67 -19.15
C VAL A 125 -0.81 -24.98 -19.88
N SER A 126 -0.66 -25.30 -21.17
CA SER A 126 0.48 -24.81 -21.94
C SER A 126 0.32 -23.35 -22.36
N SER A 127 1.05 -22.95 -23.40
CA SER A 127 0.98 -21.60 -23.94
C SER A 127 -0.43 -21.23 -24.40
N GLY A 141 -10.40 -8.63 -2.68
CA GLY A 141 -10.70 -7.30 -2.19
C GLY A 141 -10.94 -7.26 -0.70
N SER A 142 -11.92 -8.04 -0.24
CA SER A 142 -12.22 -8.19 1.17
C SER A 142 -11.66 -9.48 1.74
N ASP A 143 -10.77 -10.15 1.01
CA ASP A 143 -10.20 -11.39 1.51
C ASP A 143 -9.32 -11.12 2.71
N ILE A 144 -9.27 -12.09 3.62
CA ILE A 144 -8.42 -12.02 4.79
C ILE A 144 -7.01 -12.43 4.34
N VAL A 145 -6.12 -11.43 4.22
CA VAL A 145 -4.76 -11.66 3.76
C VAL A 145 -3.89 -12.06 4.95
N LEU A 146 -3.19 -13.18 4.81
CA LEU A 146 -2.32 -13.71 5.86
C LEU A 146 -0.86 -13.41 5.49
N THR A 147 -0.24 -12.52 6.24
CA THR A 147 1.17 -12.20 6.04
C THR A 147 2.02 -13.12 6.91
N GLN A 148 2.67 -14.09 6.28
CA GLN A 148 3.48 -15.06 6.99
C GLN A 148 4.94 -14.62 7.05
N SER A 149 5.59 -14.93 8.17
N SER A 149 5.59 -14.92 8.17
CA SER A 149 6.99 -14.59 8.38
CA SER A 149 6.98 -14.59 8.43
C SER A 149 7.67 -15.75 9.10
C SER A 149 7.67 -15.77 9.09
N PRO A 150 8.90 -16.12 8.67
CA PRO A 150 9.62 -15.52 7.55
C PRO A 150 9.42 -16.28 6.25
N ALA A 151 10.15 -15.89 5.20
CA ALA A 151 10.05 -16.57 3.91
C ALA A 151 10.62 -17.98 3.97
N SER A 152 11.66 -18.20 4.77
CA SER A 152 12.27 -19.51 4.91
C SER A 152 13.02 -19.52 6.23
N LEU A 153 13.49 -20.70 6.61
CA LEU A 153 14.15 -20.86 7.90
C LEU A 153 15.13 -22.03 7.84
N THR A 154 16.31 -21.82 8.40
CA THR A 154 17.33 -22.84 8.49
C THR A 154 17.77 -22.93 9.95
N VAL A 155 17.40 -24.03 10.61
CA VAL A 155 17.65 -24.21 12.03
C VAL A 155 18.43 -25.50 12.25
N SER A 156 19.33 -25.48 13.22
CA SER A 156 20.02 -26.70 13.62
C SER A 156 19.08 -27.61 14.41
N LEU A 157 19.45 -28.88 14.49
CA LEU A 157 18.66 -29.85 15.24
C LEU A 157 18.65 -29.48 16.72
N GLY A 158 17.46 -29.49 17.32
CA GLY A 158 17.31 -29.19 18.72
C GLY A 158 16.98 -27.74 19.04
N GLN A 159 17.16 -26.85 18.08
CA GLN A 159 16.91 -25.42 18.30
C GLN A 159 15.41 -25.14 18.19
N ARG A 160 15.06 -23.86 18.11
CA ARG A 160 13.67 -23.41 18.07
C ARG A 160 13.37 -22.78 16.71
N ALA A 161 12.20 -23.10 16.17
CA ALA A 161 11.72 -22.49 14.94
C ALA A 161 10.42 -21.75 15.25
N THR A 162 10.36 -20.48 14.86
CA THR A 162 9.20 -19.63 15.12
C THR A 162 8.70 -19.05 13.80
N ILE A 163 7.46 -19.33 13.46
CA ILE A 163 6.81 -18.82 12.27
C ILE A 163 5.62 -17.96 12.69
N SER A 164 5.54 -16.74 12.15
CA SER A 164 4.51 -15.80 12.55
C SER A 164 3.53 -15.56 11.41
N CYS A 165 2.36 -15.03 11.77
CA CYS A 165 1.31 -14.71 10.83
C CYS A 165 0.57 -13.48 11.30
N ARG A 166 0.30 -12.56 10.37
CA ARG A 166 -0.50 -11.38 10.65
C ARG A 166 -1.61 -11.31 9.62
N ALA A 167 -2.85 -11.30 10.09
CA ALA A 167 -4.02 -11.27 9.22
C ALA A 167 -4.46 -9.83 8.97
N SER A 168 -4.96 -9.58 7.75
CA SER A 168 -5.43 -8.26 7.40
C SER A 168 -6.63 -7.83 8.23
N GLU A 169 -7.33 -8.77 8.85
CA GLU A 169 -8.40 -8.44 9.80
C GLU A 169 -8.55 -9.61 10.76
N SER A 170 -9.37 -9.40 11.79
CA SER A 170 -9.51 -10.37 12.86
C SER A 170 -10.13 -11.66 12.33
N VAL A 171 -9.51 -12.79 12.65
CA VAL A 171 -10.08 -14.10 12.39
C VAL A 171 -10.77 -14.68 13.61
N ASP A 172 -11.03 -13.86 14.63
CA ASP A 172 -11.74 -14.30 15.82
C ASP A 172 -13.24 -14.37 15.53
N TYR A 173 -13.89 -15.41 16.06
CA TYR A 173 -15.34 -15.54 15.94
C TYR A 173 -15.85 -16.21 17.20
N TYR A 174 -16.58 -15.45 18.02
CA TYR A 174 -17.22 -15.96 19.24
C TYR A 174 -16.22 -16.61 20.18
N GLY A 175 -15.15 -15.87 20.50
CA GLY A 175 -14.16 -16.32 21.45
C GLY A 175 -13.14 -17.29 20.92
N LYS A 176 -13.27 -17.74 19.67
CA LYS A 176 -12.31 -18.65 19.06
C LYS A 176 -11.58 -17.96 17.92
N SER A 177 -10.30 -18.29 17.76
CA SER A 177 -9.49 -17.76 16.68
C SER A 177 -9.41 -18.82 15.58
N PHE A 178 -9.97 -18.50 14.42
CA PHE A 178 -10.05 -19.45 13.30
C PHE A 178 -8.77 -19.40 12.48
N MET A 179 -7.68 -19.77 13.13
CA MET A 179 -6.36 -19.80 12.51
C MET A 179 -5.83 -21.22 12.58
N ASN A 180 -5.34 -21.74 11.46
CA ASN A 180 -4.85 -23.11 11.38
C ASN A 180 -3.48 -23.13 10.74
N TRP A 181 -2.72 -24.18 11.05
CA TRP A 181 -1.37 -24.34 10.56
C TRP A 181 -1.21 -25.70 9.90
N TYR A 182 -0.57 -25.73 8.74
CA TYR A 182 -0.38 -26.94 7.97
C TYR A 182 1.11 -27.16 7.70
N GLN A 183 1.49 -28.42 7.65
CA GLN A 183 2.85 -28.84 7.35
C GLN A 183 2.82 -29.67 6.07
N GLN A 184 3.73 -29.38 5.14
CA GLN A 184 3.81 -30.10 3.88
C GLN A 184 5.26 -30.42 3.59
N LYS A 185 5.55 -31.66 3.51
CA LYS A 185 6.84 -32.23 3.14
C LYS A 185 6.86 -32.51 1.64
N PRO A 186 8.04 -32.50 1.02
CA PRO A 186 8.09 -32.67 -0.44
C PRO A 186 7.49 -34.00 -0.87
N GLY A 187 6.71 -33.96 -1.95
CA GLY A 187 6.03 -35.13 -2.45
C GLY A 187 4.77 -35.53 -1.72
N GLN A 188 4.39 -34.79 -0.68
CA GLN A 188 3.23 -35.11 0.14
C GLN A 188 2.24 -33.95 0.16
N PRO A 189 0.97 -34.21 0.40
CA PRO A 189 0.00 -33.12 0.54
C PRO A 189 0.19 -32.41 1.88
N PRO A 190 -0.43 -31.24 2.06
CA PRO A 190 -0.38 -30.60 3.37
C PRO A 190 -1.03 -31.48 4.43
N LYS A 191 -0.45 -31.46 5.62
CA LYS A 191 -0.97 -32.19 6.77
C LYS A 191 -1.29 -31.20 7.88
N LEU A 192 -2.45 -31.40 8.52
CA LEU A 192 -2.90 -30.47 9.55
C LEU A 192 -2.04 -30.58 10.81
N LEU A 193 -1.53 -29.43 11.25
CA LEU A 193 -0.78 -29.35 12.51
C LEU A 193 -1.62 -28.76 13.64
N ILE A 194 -2.03 -27.51 13.50
CA ILE A 194 -2.77 -26.78 14.52
C ILE A 194 -4.11 -26.35 13.95
N TYR A 195 -5.17 -26.49 14.74
CA TYR A 195 -6.46 -25.92 14.42
C TYR A 195 -6.92 -25.04 15.56
N ALA A 196 -7.74 -24.04 15.23
CA ALA A 196 -8.29 -23.10 16.20
C ALA A 196 -7.16 -22.44 17.01
N ALA A 197 -6.14 -21.97 16.29
CA ALA A 197 -5.03 -21.19 16.82
C ALA A 197 -4.10 -21.97 17.74
N SER A 198 -4.64 -22.76 18.67
CA SER A 198 -3.81 -23.37 19.71
C SER A 198 -4.05 -24.86 19.94
N ASN A 199 -4.95 -25.49 19.19
CA ASN A 199 -5.22 -26.91 19.37
C ASN A 199 -4.34 -27.73 18.44
N GLN A 200 -3.86 -28.87 18.93
CA GLN A 200 -2.95 -29.73 18.18
C GLN A 200 -3.75 -30.76 17.41
N GLY A 201 -3.33 -31.00 16.17
CA GLY A 201 -4.01 -31.95 15.29
C GLY A 201 -3.88 -33.39 15.76
N SER A 202 -4.35 -34.28 14.89
CA SER A 202 -4.35 -35.71 15.20
C SER A 202 -2.92 -36.24 15.27
N GLY A 203 -2.53 -36.72 16.44
CA GLY A 203 -1.21 -37.30 16.64
C GLY A 203 -0.08 -36.33 16.33
N ILE A 204 -0.24 -35.07 16.68
CA ILE A 204 0.79 -34.05 16.48
C ILE A 204 1.59 -33.91 17.75
N PRO A 205 2.92 -34.03 17.71
CA PRO A 205 3.72 -33.94 18.93
C PRO A 205 3.55 -32.61 19.64
N ALA A 206 3.70 -32.64 20.97
CA ALA A 206 3.52 -31.43 21.77
C ALA A 206 4.56 -30.36 21.45
N ARG A 207 5.65 -30.74 20.79
CA ARG A 207 6.68 -29.77 20.42
C ARG A 207 6.19 -28.79 19.34
N PHE A 208 5.09 -29.09 18.67
CA PHE A 208 4.39 -28.11 17.84
C PHE A 208 3.35 -27.41 18.71
N SER A 209 3.45 -26.08 18.82
CA SER A 209 2.58 -25.31 19.70
C SER A 209 2.17 -24.03 18.98
N GLY A 210 0.88 -23.84 18.80
CA GLY A 210 0.34 -22.63 18.22
C GLY A 210 -0.24 -21.72 19.28
N SER A 211 -0.17 -20.41 19.02
CA SER A 211 -0.71 -19.41 19.94
C SER A 211 -1.08 -18.16 19.16
N GLY A 212 -1.69 -17.21 19.86
CA GLY A 212 -2.09 -15.95 19.27
C GLY A 212 -3.60 -15.79 19.30
N SER A 213 -4.04 -14.61 18.85
CA SER A 213 -5.46 -14.28 18.83
C SER A 213 -5.63 -13.03 17.97
N GLY A 214 -6.86 -12.86 17.47
CA GLY A 214 -7.18 -11.71 16.66
C GLY A 214 -6.49 -11.72 15.30
N THR A 215 -5.42 -10.94 15.16
CA THR A 215 -4.69 -10.85 13.90
C THR A 215 -3.27 -11.36 13.96
N ASP A 216 -2.70 -11.61 15.14
CA ASP A 216 -1.32 -12.03 15.28
C ASP A 216 -1.26 -13.45 15.83
N PHE A 217 -0.58 -14.33 15.11
CA PHE A 217 -0.47 -15.74 15.49
C PHE A 217 0.96 -16.21 15.25
N THR A 218 1.34 -17.26 15.97
CA THR A 218 2.70 -17.79 15.91
C THR A 218 2.67 -19.31 15.97
N LEU A 219 3.57 -19.93 15.22
CA LEU A 219 3.82 -21.36 15.30
C LEU A 219 5.23 -21.58 15.83
N ASN A 220 5.35 -22.36 16.90
CA ASN A 220 6.64 -22.64 17.52
C ASN A 220 6.96 -24.13 17.38
N ILE A 221 8.19 -24.42 16.96
CA ILE A 221 8.69 -25.78 16.85
C ILE A 221 9.93 -25.88 17.72
N HIS A 222 9.85 -26.67 18.78
CA HIS A 222 10.95 -26.79 19.74
C HIS A 222 10.81 -28.07 20.54
N PRO A 223 11.79 -28.99 20.47
CA PRO A 223 13.00 -28.89 19.64
C PRO A 223 12.80 -29.41 18.23
N VAL A 224 13.39 -28.72 17.25
CA VAL A 224 13.25 -29.12 15.85
C VAL A 224 13.93 -30.46 15.63
N GLU A 225 13.23 -31.36 14.96
CA GLU A 225 13.77 -32.65 14.56
C GLU A 225 13.96 -32.71 13.04
N GLU A 226 14.65 -33.77 12.61
CA GLU A 226 14.99 -33.91 11.20
C GLU A 226 13.74 -33.98 10.34
N GLU A 227 12.73 -34.72 10.79
CA GLU A 227 11.50 -34.87 10.02
C GLU A 227 10.69 -33.58 9.92
N ASP A 228 11.05 -32.55 10.69
CA ASP A 228 10.35 -31.27 10.61
C ASP A 228 10.72 -30.47 9.38
N ALA A 229 11.65 -30.95 8.56
CA ALA A 229 12.02 -30.26 7.34
C ALA A 229 10.85 -30.31 6.36
N ALA A 230 10.20 -29.18 6.17
CA ALA A 230 9.01 -29.11 5.33
C ALA A 230 8.66 -27.63 5.12
N THR A 231 7.56 -27.40 4.42
CA THR A 231 7.02 -26.06 4.24
C THR A 231 5.75 -25.93 5.07
N TYR A 232 5.65 -24.83 5.82
CA TYR A 232 4.55 -24.62 6.74
C TYR A 232 3.69 -23.45 6.26
N TYR A 233 2.37 -23.64 6.35
CA TYR A 233 1.41 -22.64 5.90
C TYR A 233 0.41 -22.36 7.01
N CYS A 234 0.09 -21.09 7.21
CA CYS A 234 -1.06 -20.73 8.03
C CYS A 234 -2.29 -20.63 7.15
N GLN A 235 -3.46 -20.81 7.76
CA GLN A 235 -4.72 -20.75 7.04
C GLN A 235 -5.80 -20.24 7.97
N GLN A 236 -6.61 -19.31 7.49
CA GLN A 236 -7.76 -18.82 8.23
C GLN A 236 -9.02 -19.52 7.74
N SER A 237 -9.88 -19.90 8.68
CA SER A 237 -11.15 -20.55 8.36
C SER A 237 -12.32 -19.75 8.92
N LYS A 238 -12.17 -18.42 8.95
CA LYS A 238 -13.20 -17.51 9.39
C LYS A 238 -14.13 -17.09 8.26
N GLU A 239 -13.58 -16.68 7.13
CA GLU A 239 -14.37 -16.16 6.03
C GLU A 239 -14.06 -16.91 4.74
N VAL A 240 -15.03 -16.94 3.85
CA VAL A 240 -14.83 -17.43 2.49
C VAL A 240 -14.30 -16.25 1.69
N PRO A 241 -13.21 -16.40 0.93
CA PRO A 241 -12.46 -17.64 0.70
C PRO A 241 -11.52 -18.02 1.83
N TRP A 242 -11.34 -19.33 2.03
CA TRP A 242 -10.20 -19.79 2.81
C TRP A 242 -8.93 -19.27 2.17
N THR A 243 -8.06 -18.68 2.97
CA THR A 243 -6.82 -18.12 2.45
C THR A 243 -5.63 -18.68 3.23
N PHE A 244 -4.48 -18.75 2.55
CA PHE A 244 -3.27 -19.33 3.10
C PHE A 244 -2.16 -18.28 3.15
N GLY A 245 -1.23 -18.48 4.07
CA GLY A 245 0.00 -17.72 4.06
C GLY A 245 0.89 -18.16 2.90
N ALA A 246 1.89 -17.32 2.62
CA ALA A 246 2.79 -17.60 1.50
C ALA A 246 3.66 -18.83 1.75
N GLY A 247 3.84 -19.24 3.00
CA GLY A 247 4.60 -20.43 3.27
C GLY A 247 5.99 -20.15 3.78
N THR A 248 6.50 -21.05 4.61
CA THR A 248 7.84 -20.96 5.18
C THR A 248 8.50 -22.33 5.06
N LYS A 249 9.56 -22.40 4.26
CA LYS A 249 10.29 -23.65 4.06
C LYS A 249 11.35 -23.78 5.16
N LEU A 250 11.21 -24.80 5.99
CA LEU A 250 12.15 -25.06 7.07
C LEU A 250 13.14 -26.13 6.62
N GLU A 251 14.43 -25.82 6.72
CA GLU A 251 15.49 -26.75 6.45
C GLU A 251 16.36 -26.94 7.69
N ILE A 252 17.09 -28.05 7.72
CA ILE A 252 17.97 -28.39 8.83
C ILE A 252 19.40 -28.08 8.42
N LYS A 253 20.08 -27.27 9.23
CA LYS A 253 21.48 -26.94 8.97
C LYS A 253 22.37 -28.14 9.22
N ARG A 254 23.28 -28.40 8.27
CA ARG A 254 24.20 -29.52 8.37
C ARG A 254 25.65 -29.05 8.26
N GLU B 3 -5.23 -2.04 -11.78
CA GLU B 3 -4.90 -0.62 -11.91
C GLU B 3 -5.56 -0.01 -13.14
N VAL B 4 -5.66 1.32 -13.13
CA VAL B 4 -6.28 2.05 -14.23
C VAL B 4 -5.29 2.20 -15.37
N LYS B 5 -5.74 1.91 -16.59
CA LYS B 5 -4.88 1.92 -17.76
C LYS B 5 -5.62 2.61 -18.91
N LEU B 6 -4.86 3.32 -19.74
CA LEU B 6 -5.38 3.97 -20.93
C LEU B 6 -4.41 3.73 -22.08
N VAL B 7 -4.91 3.23 -23.19
CA VAL B 7 -4.10 2.86 -24.34
C VAL B 7 -4.65 3.61 -25.55
N GLU B 8 -3.95 4.66 -25.97
CA GLU B 8 -4.31 5.38 -27.18
C GLU B 8 -3.76 4.66 -28.42
N SER B 9 -4.42 4.89 -29.55
CA SER B 9 -4.00 4.31 -30.81
C SER B 9 -4.70 5.03 -31.95
N GLY B 10 -4.16 4.84 -33.16
CA GLY B 10 -4.77 5.35 -34.38
C GLY B 10 -4.02 6.46 -35.08
N GLY B 11 -2.84 6.85 -34.60
CA GLY B 11 -2.11 7.95 -35.20
C GLY B 11 -1.47 7.61 -36.53
N GLY B 12 -0.30 8.19 -36.81
CA GLY B 12 0.44 7.94 -38.03
C GLY B 12 0.56 9.18 -38.89
N LEU B 13 1.12 8.96 -40.09
CA LEU B 13 1.33 10.04 -41.03
C LEU B 13 0.08 10.31 -41.85
N VAL B 14 -0.22 11.59 -42.06
CA VAL B 14 -1.38 12.02 -42.83
C VAL B 14 -1.03 13.33 -43.55
N LYS B 15 -1.51 13.47 -44.78
CA LYS B 15 -1.33 14.71 -45.51
C LYS B 15 -2.21 15.81 -44.92
N PRO B 16 -1.85 17.07 -45.13
CA PRO B 16 -2.71 18.17 -44.65
C PRO B 16 -4.09 18.09 -45.27
N GLY B 17 -5.09 18.48 -44.49
CA GLY B 17 -6.47 18.41 -44.92
C GLY B 17 -7.09 17.03 -44.88
N GLY B 18 -6.34 16.01 -44.43
CA GLY B 18 -6.85 14.67 -44.35
C GLY B 18 -7.73 14.44 -43.13
N SER B 19 -8.20 13.21 -43.01
CA SER B 19 -9.05 12.80 -41.90
C SER B 19 -8.45 11.59 -41.20
N LEU B 20 -8.78 11.44 -39.91
CA LEU B 20 -8.16 10.42 -39.08
C LEU B 20 -8.98 10.30 -37.79
N LYS B 21 -8.99 9.10 -37.21
CA LYS B 21 -9.70 8.89 -35.95
C LYS B 21 -8.80 8.18 -34.94
N LEU B 22 -8.66 8.76 -33.75
CA LEU B 22 -7.94 8.15 -32.65
C LEU B 22 -8.90 7.40 -31.73
N SER B 23 -8.37 6.38 -31.06
CA SER B 23 -9.12 5.60 -30.10
C SER B 23 -8.31 5.44 -28.82
N CYS B 24 -9.00 5.28 -27.71
CA CYS B 24 -8.37 4.97 -26.43
C CYS B 24 -9.19 3.92 -25.72
N ALA B 25 -8.57 2.78 -25.42
CA ALA B 25 -9.22 1.70 -24.69
C ALA B 25 -8.94 1.86 -23.20
N ALA B 26 -9.99 2.02 -22.40
CA ALA B 26 -9.86 2.21 -20.97
C ALA B 26 -10.18 0.92 -20.22
N SER B 27 -9.42 0.65 -19.17
CA SER B 27 -9.60 -0.55 -18.36
C SER B 27 -9.05 -0.28 -16.97
N GLY B 28 -9.56 -1.02 -16.00
CA GLY B 28 -9.14 -0.88 -14.62
C GLY B 28 -9.95 0.09 -13.79
N PHE B 29 -10.96 0.73 -14.36
CA PHE B 29 -11.82 1.63 -13.62
C PHE B 29 -13.18 1.69 -14.30
N THR B 30 -14.19 2.17 -13.57
CA THR B 30 -15.52 2.30 -14.12
C THR B 30 -15.54 3.48 -15.09
N PHE B 31 -15.25 3.21 -16.36
CA PHE B 31 -15.06 4.26 -17.37
C PHE B 31 -16.24 5.21 -17.44
N SER B 32 -17.46 4.69 -17.34
CA SER B 32 -18.66 5.50 -17.53
C SER B 32 -18.86 6.56 -16.46
N ARG B 33 -18.10 6.52 -15.37
CA ARG B 33 -18.27 7.45 -14.27
C ARG B 33 -17.23 8.56 -14.24
N PHE B 34 -16.42 8.70 -15.29
CA PHE B 34 -15.34 9.67 -15.33
C PHE B 34 -15.37 10.44 -16.64
N GLY B 35 -15.22 11.76 -16.54
CA GLY B 35 -14.95 12.55 -17.72
C GLY B 35 -13.57 12.24 -18.27
N MET B 36 -13.41 12.44 -19.57
CA MET B 36 -12.17 12.09 -20.25
C MET B 36 -11.68 13.27 -21.07
N HIS B 37 -10.36 13.36 -21.20
CA HIS B 37 -9.71 14.45 -21.93
C HIS B 37 -8.87 13.88 -23.08
N TRP B 38 -8.69 14.70 -24.10
CA TRP B 38 -7.63 14.52 -25.08
C TRP B 38 -6.68 15.70 -24.92
N VAL B 39 -5.40 15.39 -24.69
CA VAL B 39 -4.35 16.40 -24.55
C VAL B 39 -3.21 16.00 -25.47
N ARG B 40 -2.69 16.97 -26.23
CA ARG B 40 -1.61 16.71 -27.16
C ARG B 40 -0.35 17.44 -26.74
N GLN B 41 0.79 16.86 -27.08
CA GLN B 41 2.09 17.43 -26.79
C GLN B 41 2.85 17.58 -28.10
N THR B 42 3.17 18.83 -28.45
CA THR B 42 3.89 19.09 -29.66
C THR B 42 5.33 18.58 -29.54
N PRO B 43 6.02 18.37 -30.67
CA PRO B 43 7.44 17.95 -30.59
C PRO B 43 8.31 18.94 -29.83
N GLU B 44 7.83 20.16 -29.63
CA GLU B 44 8.48 21.19 -28.84
C GLU B 44 8.21 21.05 -27.35
N LYS B 45 7.59 19.95 -26.94
CA LYS B 45 7.30 19.62 -25.54
C LYS B 45 6.30 20.60 -24.93
N ARG B 46 5.40 21.12 -25.75
CA ARG B 46 4.35 22.03 -25.31
C ARG B 46 3.04 21.27 -25.18
N LEU B 47 2.40 21.38 -24.02
CA LEU B 47 1.15 20.68 -23.76
C LEU B 47 -0.03 21.56 -24.15
N GLU B 48 -0.95 21.00 -24.93
CA GLU B 48 -2.13 21.72 -25.39
C GLU B 48 -3.37 20.86 -25.17
N TRP B 49 -4.29 21.34 -24.33
CA TRP B 49 -5.55 20.65 -24.15
C TRP B 49 -6.38 20.70 -25.44
N VAL B 50 -6.96 19.56 -25.81
CA VAL B 50 -7.66 19.42 -27.08
C VAL B 50 -9.17 19.39 -26.89
N ALA B 51 -9.68 18.42 -26.12
CA ALA B 51 -11.12 18.26 -25.98
C ALA B 51 -11.44 17.61 -24.64
N TYR B 52 -12.70 17.80 -24.21
CA TYR B 52 -13.21 17.20 -22.98
C TYR B 52 -14.64 16.72 -23.21
N ILE B 53 -14.98 15.60 -22.59
CA ILE B 53 -16.35 15.06 -22.62
C ILE B 53 -16.69 14.57 -21.22
N SER B 54 -17.91 14.88 -20.78
CA SER B 54 -18.34 14.46 -19.46
C SER B 54 -18.61 12.95 -19.42
N SER B 55 -18.73 12.42 -18.20
CA SER B 55 -18.93 10.98 -18.04
C SER B 55 -20.18 10.50 -18.76
N GLY B 56 -21.28 11.24 -18.61
CA GLY B 56 -22.53 10.95 -19.28
C GLY B 56 -22.69 11.60 -20.64
N SER B 57 -21.67 12.32 -21.11
CA SER B 57 -21.70 13.01 -22.41
C SER B 57 -22.71 14.16 -22.41
N SER B 58 -22.84 14.85 -21.29
CA SER B 58 -23.73 16.02 -21.22
C SER B 58 -23.03 17.33 -21.52
N THR B 59 -21.70 17.38 -21.36
CA THR B 59 -20.94 18.61 -21.58
C THR B 59 -19.70 18.28 -22.39
N ILE B 60 -19.46 19.03 -23.46
CA ILE B 60 -18.34 18.82 -24.36
C ILE B 60 -17.64 20.14 -24.60
N TYR B 61 -16.32 20.15 -24.43
CA TYR B 61 -15.48 21.31 -24.67
C TYR B 61 -14.43 20.97 -25.71
N TYR B 62 -14.13 21.93 -26.58
CA TYR B 62 -13.05 21.82 -27.55
C TYR B 62 -12.16 23.05 -27.44
N ALA B 63 -10.87 22.85 -27.71
CA ALA B 63 -9.98 23.99 -27.84
C ALA B 63 -10.36 24.82 -29.05
N ASP B 64 -10.08 26.13 -28.97
CA ASP B 64 -10.50 27.01 -30.05
C ASP B 64 -9.77 26.71 -31.35
N THR B 65 -8.55 26.18 -31.27
CA THR B 65 -7.79 25.85 -32.48
C THR B 65 -8.25 24.58 -33.16
N VAL B 66 -9.07 23.75 -32.52
CA VAL B 66 -9.51 22.49 -33.10
C VAL B 66 -11.02 22.40 -33.26
N LYS B 67 -11.76 23.45 -32.89
CA LYS B 67 -13.21 23.41 -32.95
C LYS B 67 -13.70 23.24 -34.38
N GLY B 68 -14.78 22.47 -34.53
CA GLY B 68 -15.35 22.22 -35.84
C GLY B 68 -14.67 21.10 -36.58
N ARG B 69 -13.34 21.06 -36.56
CA ARG B 69 -12.60 20.02 -37.28
C ARG B 69 -12.51 18.74 -36.47
N PHE B 70 -12.56 18.84 -35.15
CA PHE B 70 -12.43 17.69 -34.27
C PHE B 70 -13.78 17.34 -33.64
N THR B 71 -13.93 16.06 -33.29
CA THR B 71 -15.15 15.57 -32.65
C THR B 71 -14.75 14.55 -31.61
N ILE B 72 -15.11 14.80 -30.35
CA ILE B 72 -14.86 13.87 -29.27
C ILE B 72 -16.15 13.12 -28.96
N SER B 73 -16.01 11.83 -28.66
CA SER B 73 -17.15 10.99 -28.33
C SER B 73 -16.65 9.83 -27.48
N ARG B 74 -17.59 9.09 -26.91
CA ARG B 74 -17.23 7.99 -26.03
C ARG B 74 -18.28 6.89 -26.15
N ASP B 75 -17.83 5.66 -25.91
CA ASP B 75 -18.69 4.49 -25.92
C ASP B 75 -18.51 3.85 -24.55
N ASN B 76 -19.39 4.20 -23.61
CA ASN B 76 -19.26 3.69 -22.25
C ASN B 76 -19.48 2.19 -22.15
N ALA B 77 -20.20 1.60 -23.11
CA ALA B 77 -20.38 0.15 -23.11
C ALA B 77 -19.08 -0.55 -23.48
N LYS B 78 -18.30 0.04 -24.38
CA LYS B 78 -17.03 -0.54 -24.82
C LYS B 78 -15.83 0.07 -24.11
N ASN B 79 -16.05 1.02 -23.21
CA ASN B 79 -14.96 1.69 -22.48
C ASN B 79 -13.93 2.27 -23.46
N THR B 80 -14.42 2.98 -24.47
CA THR B 80 -13.58 3.52 -25.51
C THR B 80 -13.89 5.01 -25.69
N LEU B 81 -12.82 5.79 -25.89
CA LEU B 81 -12.92 7.21 -26.19
C LEU B 81 -12.39 7.45 -27.60
N TYR B 82 -13.05 8.34 -28.33
CA TYR B 82 -12.73 8.61 -29.74
C TYR B 82 -12.44 10.08 -29.96
N LEU B 83 -11.61 10.36 -30.97
CA LEU B 83 -11.34 11.73 -31.42
C LEU B 83 -11.30 11.72 -32.94
N GLN B 84 -12.38 12.19 -33.56
CA GLN B 84 -12.46 12.34 -35.01
C GLN B 84 -11.77 13.63 -35.44
N MET B 85 -10.81 13.52 -36.35
CA MET B 85 -10.09 14.66 -36.88
C MET B 85 -10.35 14.78 -38.38
N SER B 86 -10.51 16.02 -38.83
CA SER B 86 -10.67 16.34 -40.24
C SER B 86 -10.05 17.69 -40.47
N SER B 87 -9.81 18.00 -41.75
CA SER B 87 -9.12 19.24 -42.14
C SER B 87 -7.84 19.43 -41.34
N LEU B 88 -7.03 18.38 -41.30
CA LEU B 88 -5.84 18.36 -40.46
C LEU B 88 -4.81 19.38 -40.96
N ARG B 89 -4.09 19.98 -40.03
CA ARG B 89 -3.07 20.97 -40.34
C ARG B 89 -1.74 20.51 -39.79
N SER B 90 -0.66 21.13 -40.28
CA SER B 90 0.67 20.81 -39.78
C SER B 90 0.79 21.13 -38.29
N GLU B 91 0.04 22.11 -37.81
CA GLU B 91 0.03 22.46 -36.39
C GLU B 91 -0.52 21.33 -35.52
N ASP B 92 -1.30 20.41 -36.10
CA ASP B 92 -1.86 19.30 -35.34
C ASP B 92 -0.85 18.20 -35.05
N THR B 93 0.37 18.31 -35.58
CA THR B 93 1.40 17.30 -35.33
C THR B 93 1.77 17.28 -33.85
N ALA B 94 1.49 16.16 -33.20
CA ALA B 94 1.75 16.03 -31.76
C ALA B 94 1.50 14.57 -31.37
N ILE B 95 1.95 14.22 -30.18
CA ILE B 95 1.55 12.97 -29.54
C ILE B 95 0.29 13.24 -28.72
N TYR B 96 -0.76 12.48 -28.98
CA TYR B 96 -2.07 12.71 -28.38
C TYR B 96 -2.30 11.76 -27.22
N TYR B 97 -2.46 12.32 -26.03
CA TYR B 97 -2.72 11.58 -24.81
C TYR B 97 -4.21 11.63 -24.46
N CYS B 98 -4.69 10.56 -23.82
CA CYS B 98 -6.00 10.54 -23.21
C CYS B 98 -5.84 10.64 -21.70
N ALA B 99 -6.52 11.61 -21.09
CA ALA B 99 -6.39 11.87 -19.66
C ALA B 99 -7.74 11.75 -18.99
N ARG B 100 -7.79 11.01 -17.88
CA ARG B 100 -9.01 10.86 -17.12
C ARG B 100 -9.20 12.04 -16.17
N SER B 101 -10.43 12.51 -16.05
CA SER B 101 -10.77 13.59 -15.12
C SER B 101 -11.16 12.95 -13.79
N GLY B 102 -10.21 12.92 -12.86
CA GLY B 102 -10.44 12.31 -11.56
C GLY B 102 -10.95 13.33 -10.57
N GLY B 103 -12.02 12.96 -9.85
CA GLY B 103 -12.62 13.83 -8.86
C GLY B 103 -12.05 13.62 -7.48
N ILE B 104 -11.63 14.72 -6.85
CA ILE B 104 -11.10 14.71 -5.49
C ILE B 104 -12.08 15.48 -4.61
N GLU B 105 -12.63 14.79 -3.61
CA GLU B 105 -13.70 15.35 -2.80
C GLU B 105 -13.14 16.24 -1.69
N ARG B 106 -13.63 17.47 -1.61
CA ARG B 106 -13.30 18.41 -0.55
C ARG B 106 -14.53 18.65 0.32
N TYR B 107 -14.38 19.53 1.30
CA TYR B 107 -15.47 19.82 2.23
C TYR B 107 -16.64 20.52 1.54
N ASP B 108 -16.35 21.38 0.57
CA ASP B 108 -17.35 22.20 -0.09
C ASP B 108 -17.71 21.71 -1.48
N GLY B 109 -17.05 20.67 -1.97
CA GLY B 109 -17.36 20.16 -3.29
C GLY B 109 -16.29 19.19 -3.75
N THR B 110 -16.38 18.83 -5.03
CA THR B 110 -15.49 17.88 -5.66
C THR B 110 -14.56 18.62 -6.62
N TYR B 111 -13.26 18.34 -6.52
CA TYR B 111 -12.25 18.97 -7.36
C TYR B 111 -11.80 17.95 -8.41
N TYR B 112 -11.85 18.36 -9.68
CA TYR B 112 -11.58 17.48 -10.81
C TYR B 112 -10.24 17.83 -11.42
N VAL B 113 -9.42 16.81 -11.66
CA VAL B 113 -8.07 16.99 -12.17
C VAL B 113 -7.74 15.83 -13.10
N MET B 114 -6.88 16.10 -14.08
CA MET B 114 -6.41 15.07 -15.00
C MET B 114 -5.38 14.22 -14.27
N ASP B 115 -5.84 13.10 -13.71
CA ASP B 115 -5.03 12.31 -12.78
C ASP B 115 -4.35 11.11 -13.42
N TYR B 116 -4.88 10.58 -14.52
CA TYR B 116 -4.33 9.39 -15.15
C TYR B 116 -4.17 9.63 -16.65
N TRP B 117 -3.02 9.27 -17.20
CA TRP B 117 -2.70 9.47 -18.61
C TRP B 117 -2.23 8.16 -19.24
N GLY B 118 -2.57 8.00 -20.52
CA GLY B 118 -2.04 6.90 -21.29
C GLY B 118 -0.68 7.24 -21.92
N GLN B 119 -0.08 6.24 -22.55
CA GLN B 119 1.21 6.45 -23.21
C GLN B 119 1.09 7.33 -24.44
N GLY B 120 -0.07 7.43 -25.04
CA GLY B 120 -0.25 8.36 -26.15
C GLY B 120 0.04 7.73 -27.50
N THR B 121 -0.61 8.28 -28.52
CA THR B 121 -0.39 7.89 -29.90
C THR B 121 0.10 9.09 -30.68
N THR B 122 0.97 8.84 -31.66
CA THR B 122 1.65 9.91 -32.38
C THR B 122 0.94 10.19 -33.70
N LEU B 123 0.69 11.48 -33.95
CA LEU B 123 0.12 11.95 -35.20
C LEU B 123 1.14 12.85 -35.88
N THR B 124 1.36 12.65 -37.18
CA THR B 124 2.31 13.45 -37.94
C THR B 124 1.63 13.94 -39.21
N VAL B 125 1.58 15.26 -39.37
CA VAL B 125 0.99 15.90 -40.54
C VAL B 125 2.11 16.42 -41.42
N SER B 126 2.08 16.03 -42.69
CA SER B 126 3.14 16.33 -43.64
C SER B 126 3.10 17.80 -44.06
N SER B 127 4.22 18.25 -44.63
CA SER B 127 4.35 19.61 -45.14
C SER B 127 3.27 19.93 -46.16
N GLY B 140 -11.77 35.62 -28.69
CA GLY B 140 -10.42 36.15 -28.83
C GLY B 140 -9.45 35.57 -27.81
N GLY B 141 -8.39 36.32 -27.54
CA GLY B 141 -7.36 35.88 -26.60
C GLY B 141 -7.75 36.06 -25.15
N SER B 142 -8.87 35.42 -24.75
CA SER B 142 -9.35 35.47 -23.37
C SER B 142 -8.86 34.29 -22.54
N ASP B 143 -7.91 33.52 -23.05
CA ASP B 143 -7.38 32.38 -22.32
C ASP B 143 -6.56 32.84 -21.12
N ILE B 144 -6.54 32.01 -20.08
CA ILE B 144 -5.68 32.24 -18.93
C ILE B 144 -4.27 31.78 -19.28
N VAL B 145 -3.39 32.73 -19.54
CA VAL B 145 -2.02 32.43 -19.93
C VAL B 145 -1.18 32.21 -18.67
N LEU B 146 -0.47 31.09 -18.63
CA LEU B 146 0.40 30.75 -17.50
C LEU B 146 1.86 30.98 -17.92
N THR B 147 2.48 32.00 -17.34
CA THR B 147 3.89 32.30 -17.60
C THR B 147 4.74 31.57 -16.56
N GLN B 148 5.41 30.51 -17.01
CA GLN B 148 6.22 29.67 -16.13
C GLN B 148 7.69 30.11 -16.15
N SER B 149 8.38 29.88 -15.03
CA SER B 149 9.77 30.27 -14.87
C SER B 149 10.48 29.26 -14.00
N PRO B 150 11.74 28.90 -14.32
CA PRO B 150 12.44 29.34 -15.54
C PRO B 150 12.25 28.36 -16.69
N ALA B 151 12.95 28.60 -17.81
CA ALA B 151 12.86 27.68 -18.94
C ALA B 151 13.50 26.34 -18.61
N SER B 152 14.58 26.35 -17.83
CA SER B 152 15.24 25.14 -17.37
C SER B 152 16.08 25.50 -16.16
N LEU B 153 16.54 24.48 -15.44
CA LEU B 153 17.32 24.71 -14.24
C LEU B 153 18.12 23.44 -13.91
N THR B 154 19.34 23.65 -13.42
CA THR B 154 20.27 22.56 -13.08
C THR B 154 20.71 22.68 -11.62
N VAL B 155 20.35 21.69 -10.80
CA VAL B 155 20.64 21.67 -9.37
C VAL B 155 21.47 20.45 -9.03
N SER B 156 22.36 20.63 -8.05
CA SER B 156 23.11 19.50 -7.52
C SER B 156 22.18 18.62 -6.69
N LEU B 157 22.63 17.39 -6.46
CA LEU B 157 21.82 16.44 -5.71
C LEU B 157 21.61 16.92 -4.28
N GLY B 158 20.35 16.88 -3.83
CA GLY B 158 20.00 17.21 -2.48
C GLY B 158 19.56 18.65 -2.22
N GLN B 159 19.83 19.58 -3.14
CA GLN B 159 19.44 20.96 -2.87
C GLN B 159 17.98 21.22 -3.19
N ARG B 160 17.63 22.48 -3.48
CA ARG B 160 16.25 22.90 -3.66
C ARG B 160 16.04 23.42 -5.08
N ALA B 161 14.90 23.06 -5.66
CA ALA B 161 14.50 23.50 -6.99
C ALA B 161 13.16 24.22 -6.89
N THR B 162 13.09 25.42 -7.46
CA THR B 162 11.90 26.26 -7.39
C THR B 162 11.46 26.62 -8.80
N ILE B 163 10.22 26.28 -9.14
CA ILE B 163 9.60 26.61 -10.42
C ILE B 163 8.40 27.50 -10.14
N SER B 164 8.33 28.63 -10.83
CA SER B 164 7.30 29.64 -10.59
C SER B 164 6.33 29.72 -11.75
N CYS B 165 5.17 30.32 -11.48
CA CYS B 165 4.13 30.53 -12.48
C CYS B 165 3.39 31.83 -12.15
N ARG B 166 3.14 32.63 -13.18
CA ARG B 166 2.31 33.83 -13.04
C ARG B 166 1.21 33.78 -14.08
N ALA B 167 -0.03 33.70 -13.62
CA ALA B 167 -1.19 33.59 -14.49
C ALA B 167 -1.63 34.97 -14.98
N SER B 168 -2.17 35.02 -16.20
CA SER B 168 -2.64 36.28 -16.76
C SER B 168 -3.81 36.86 -15.97
N GLU B 169 -4.50 36.04 -15.18
CA GLU B 169 -5.52 36.51 -14.25
C GLU B 169 -5.65 35.48 -13.14
N SER B 170 -6.45 35.83 -12.15
CA SER B 170 -6.61 34.99 -10.97
C SER B 170 -7.24 33.66 -11.35
N VAL B 171 -6.63 32.57 -10.88
CA VAL B 171 -7.23 31.24 -11.00
C VAL B 171 -7.95 30.85 -9.72
N ASP B 172 -8.19 31.81 -8.83
CA ASP B 172 -8.95 31.55 -7.62
C ASP B 172 -10.44 31.51 -7.91
N TYR B 173 -11.14 30.61 -7.24
CA TYR B 173 -12.59 30.51 -7.35
C TYR B 173 -13.16 30.18 -5.98
N TYR B 174 -13.70 31.20 -5.32
CA TYR B 174 -14.40 31.06 -4.04
C TYR B 174 -13.54 30.33 -3.01
N GLY B 175 -12.35 30.89 -2.78
CA GLY B 175 -11.43 30.38 -1.78
C GLY B 175 -10.56 29.24 -2.23
N LYS B 176 -10.73 28.74 -3.45
CA LYS B 176 -9.90 27.66 -3.97
C LYS B 176 -9.05 28.17 -5.12
N SER B 177 -7.80 27.74 -5.16
CA SER B 177 -6.88 28.08 -6.25
C SER B 177 -6.79 26.88 -7.19
N PHE B 178 -7.27 27.08 -8.43
CA PHE B 178 -7.30 25.99 -9.41
C PHE B 178 -5.99 25.91 -10.18
N MET B 179 -4.93 25.60 -9.44
CA MET B 179 -3.58 25.48 -10.00
C MET B 179 -3.07 24.07 -9.75
N ASN B 180 -2.54 23.44 -10.79
CA ASN B 180 -2.04 22.07 -10.71
C ASN B 180 -0.64 22.01 -11.30
N TRP B 181 0.14 21.02 -10.86
CA TRP B 181 1.52 20.83 -11.30
C TRP B 181 1.70 19.40 -11.78
N TYR B 182 2.38 19.24 -12.91
CA TYR B 182 2.59 17.95 -13.52
C TYR B 182 4.08 17.72 -13.76
N GLN B 183 4.49 16.46 -13.64
CA GLN B 183 5.86 16.03 -13.90
C GLN B 183 5.86 15.06 -15.06
N GLN B 184 6.77 15.25 -16.01
CA GLN B 184 6.85 14.37 -17.17
C GLN B 184 8.31 14.02 -17.44
N LYS B 185 8.61 12.76 -17.40
CA LYS B 185 9.91 12.24 -17.79
C LYS B 185 9.86 11.81 -19.25
N PRO B 186 11.00 11.79 -19.94
CA PRO B 186 10.99 11.49 -21.38
C PRO B 186 10.40 10.12 -21.67
N GLY B 187 9.56 10.08 -22.73
CA GLY B 187 8.85 8.89 -23.12
C GLY B 187 7.60 8.59 -22.31
N GLN B 188 7.40 9.25 -21.18
CA GLN B 188 6.27 9.04 -20.29
C GLN B 188 5.25 10.16 -20.43
N PRO B 189 4.01 9.93 -20.01
CA PRO B 189 3.03 11.00 -20.00
C PRO B 189 3.16 11.84 -18.75
N PRO B 190 2.53 13.01 -18.70
CA PRO B 190 2.55 13.80 -17.47
C PRO B 190 1.91 13.05 -16.31
N LYS B 191 2.47 13.26 -15.13
CA LYS B 191 1.97 12.68 -13.89
C LYS B 191 1.62 13.78 -12.90
N LEU B 192 0.45 13.64 -12.27
CA LEU B 192 -0.03 14.69 -11.38
C LEU B 192 0.82 14.76 -10.12
N LEU B 193 1.35 15.95 -9.83
CA LEU B 193 2.13 16.19 -8.63
C LEU B 193 1.30 16.88 -7.56
N ILE B 194 0.90 18.13 -7.85
CA ILE B 194 0.14 18.97 -6.92
C ILE B 194 -1.18 19.34 -7.59
N TYR B 195 -2.26 19.29 -6.83
CA TYR B 195 -3.55 19.79 -7.28
C TYR B 195 -4.04 20.84 -6.30
N ALA B 196 -4.88 21.75 -6.80
CA ALA B 196 -5.45 22.84 -5.99
C ALA B 196 -4.35 23.63 -5.31
N ALA B 197 -3.32 23.98 -6.08
CA ALA B 197 -2.22 24.85 -5.69
C ALA B 197 -1.28 24.24 -4.66
N SER B 198 -1.84 23.62 -3.60
CA SER B 198 -1.02 23.19 -2.48
C SER B 198 -1.28 21.76 -2.00
N ASN B 199 -2.22 21.04 -2.61
CA ASN B 199 -2.53 19.68 -2.17
C ASN B 199 -1.73 18.68 -2.98
N GLN B 200 -1.27 17.63 -2.30
CA GLN B 200 -0.39 16.65 -2.93
C GLN B 200 -1.21 15.51 -3.56
N GLY B 201 -0.80 15.11 -4.75
CA GLY B 201 -1.46 14.07 -5.49
C GLY B 201 -1.27 12.70 -4.86
N SER B 202 -1.75 11.69 -5.58
CA SER B 202 -1.69 10.31 -5.10
C SER B 202 -0.23 9.84 -5.05
N GLY B 203 0.24 9.50 -3.87
CA GLY B 203 1.59 8.98 -3.71
C GLY B 203 2.70 9.91 -4.16
N ILE B 204 2.57 11.20 -3.89
CA ILE B 204 3.62 12.16 -4.20
C ILE B 204 4.47 12.34 -2.95
N PRO B 205 5.79 12.14 -3.04
CA PRO B 205 6.64 12.31 -1.86
C PRO B 205 6.57 13.73 -1.32
N ALA B 206 6.80 13.86 -0.02
CA ALA B 206 6.66 15.16 0.64
C ALA B 206 7.67 16.19 0.14
N ARG B 207 8.71 15.77 -0.58
CA ARG B 207 9.68 16.75 -1.08
C ARG B 207 9.09 17.65 -2.17
N PHE B 208 7.96 17.27 -2.75
CA PHE B 208 7.21 18.14 -3.66
C PHE B 208 6.20 18.95 -2.86
N SER B 209 6.28 20.27 -2.96
CA SER B 209 5.43 21.16 -2.17
C SER B 209 4.94 22.29 -3.07
N GLY B 210 3.63 22.43 -3.18
CA GLY B 210 3.03 23.51 -3.95
C GLY B 210 2.52 24.62 -3.04
N SER B 211 2.55 25.84 -3.56
CA SER B 211 2.11 27.00 -2.81
C SER B 211 1.63 28.08 -3.77
N GLY B 212 1.08 29.16 -3.19
CA GLY B 212 0.63 30.31 -3.96
C GLY B 212 -0.88 30.49 -3.87
N SER B 213 -1.32 31.59 -4.49
CA SER B 213 -2.74 31.95 -4.54
C SER B 213 -2.91 33.06 -5.56
N GLY B 214 -4.13 33.18 -6.07
CA GLY B 214 -4.46 34.20 -7.04
C GLY B 214 -3.77 34.02 -8.38
N THR B 215 -2.72 34.80 -8.61
CA THR B 215 -1.97 34.75 -9.87
C THR B 215 -0.54 34.26 -9.71
N ASP B 216 -0.03 34.17 -8.47
CA ASP B 216 1.35 33.81 -8.23
C ASP B 216 1.38 32.46 -7.54
N PHE B 217 2.09 31.50 -8.15
CA PHE B 217 2.19 30.15 -7.62
C PHE B 217 3.62 29.65 -7.79
N THR B 218 4.01 28.73 -6.92
CA THR B 218 5.36 28.20 -6.92
C THR B 218 5.32 26.71 -6.62
N LEU B 219 6.22 25.97 -7.25
CA LEU B 219 6.46 24.57 -6.95
C LEU B 219 7.87 24.43 -6.41
N ASN B 220 8.01 23.73 -5.29
CA ASN B 220 9.29 23.54 -4.64
C ASN B 220 9.61 22.06 -4.52
N ILE B 221 10.86 21.71 -4.81
CA ILE B 221 11.36 20.35 -4.72
C ILE B 221 12.54 20.38 -3.75
N HIS B 222 12.40 19.73 -2.60
CA HIS B 222 13.40 19.74 -1.54
C HIS B 222 13.27 18.53 -0.64
N PRO B 223 14.29 17.66 -0.57
CA PRO B 223 15.51 17.77 -1.36
C PRO B 223 15.38 17.10 -2.72
N VAL B 224 15.95 17.70 -3.77
CA VAL B 224 15.84 17.12 -5.10
C VAL B 224 16.59 15.78 -5.12
N GLU B 225 15.97 14.78 -5.71
CA GLU B 225 16.60 13.48 -5.92
C GLU B 225 16.91 13.30 -7.40
N GLU B 226 17.70 12.26 -7.68
CA GLU B 226 18.13 12.02 -9.05
C GLU B 226 16.93 11.76 -9.96
N GLU B 227 15.95 11.00 -9.47
CA GLU B 227 14.77 10.68 -10.28
C GLU B 227 13.89 11.90 -10.53
N ASP B 228 14.13 13.02 -9.84
CA ASP B 228 13.33 14.21 -10.10
C ASP B 228 13.70 14.90 -11.40
N ALA B 229 14.70 14.39 -12.13
CA ALA B 229 15.07 14.97 -13.41
C ALA B 229 13.96 14.71 -14.42
N ALA B 230 13.25 15.77 -14.79
CA ALA B 230 12.10 15.67 -15.69
C ALA B 230 11.71 17.09 -16.10
N THR B 231 10.64 17.19 -16.88
CA THR B 231 10.08 18.47 -17.27
C THR B 231 8.78 18.70 -16.51
N TYR B 232 8.64 19.90 -15.94
CA TYR B 232 7.51 20.22 -15.08
C TYR B 232 6.62 21.28 -15.72
N TYR B 233 5.32 21.08 -15.63
CA TYR B 233 4.33 21.98 -16.22
C TYR B 233 3.34 22.40 -15.15
N CYS B 234 2.99 23.68 -15.13
CA CYS B 234 1.87 24.17 -14.36
C CYS B 234 0.61 24.13 -15.22
N GLN B 235 -0.55 24.05 -14.56
CA GLN B 235 -1.82 23.98 -15.27
C GLN B 235 -2.92 24.61 -14.43
N GLN B 236 -3.74 25.45 -15.06
CA GLN B 236 -4.90 26.02 -14.41
C GLN B 236 -6.15 25.25 -14.87
N SER B 237 -7.04 24.96 -13.92
CA SER B 237 -8.28 24.26 -14.22
C SER B 237 -9.49 25.06 -13.75
N LYS B 238 -9.41 26.38 -13.78
CA LYS B 238 -10.56 27.20 -13.41
C LYS B 238 -11.45 27.49 -14.60
N GLU B 239 -10.87 27.85 -15.74
CA GLU B 239 -11.62 28.23 -16.92
C GLU B 239 -11.24 27.35 -18.10
N VAL B 240 -12.21 27.18 -19.00
CA VAL B 240 -11.98 26.51 -20.29
C VAL B 240 -11.47 27.58 -21.26
N PRO B 241 -10.40 27.33 -22.01
CA PRO B 241 -9.62 26.07 -22.07
C PRO B 241 -8.66 25.86 -20.92
N TRP B 242 -8.45 24.61 -20.55
CA TRP B 242 -7.30 24.27 -19.72
C TRP B 242 -6.02 24.72 -20.42
N THR B 243 -5.15 25.41 -19.70
CA THR B 243 -3.91 25.91 -20.28
C THR B 243 -2.72 25.47 -19.43
N PHE B 244 -1.59 25.33 -20.09
CA PHE B 244 -0.36 24.85 -19.47
C PHE B 244 0.74 25.89 -19.56
N GLY B 245 1.67 25.83 -18.62
CA GLY B 245 2.90 26.57 -18.77
C GLY B 245 3.79 25.96 -19.82
N ALA B 246 4.77 26.74 -20.26
CA ALA B 246 5.66 26.26 -21.32
C ALA B 246 6.52 25.09 -20.86
N GLY B 247 6.71 24.91 -19.57
CA GLY B 247 7.48 23.79 -19.08
C GLY B 247 8.86 24.19 -18.61
N THR B 248 9.38 23.45 -17.64
CA THR B 248 10.70 23.68 -17.07
C THR B 248 11.42 22.35 -16.99
N LYS B 249 12.52 22.21 -17.73
CA LYS B 249 13.28 20.97 -17.73
C LYS B 249 14.26 20.96 -16.57
N LEU B 250 14.08 20.02 -15.66
CA LEU B 250 14.93 19.86 -14.49
C LEU B 250 15.99 18.80 -14.76
N GLU B 251 17.25 19.17 -14.59
CA GLU B 251 18.37 18.25 -14.64
C GLU B 251 19.08 18.29 -13.30
N ILE B 252 19.71 17.18 -12.93
CA ILE B 252 20.40 17.06 -11.65
C ILE B 252 21.90 17.04 -11.87
N LYS B 253 22.61 17.94 -11.19
CA LYS B 253 24.08 18.01 -11.17
C LYS B 253 24.76 17.64 -12.49
N GLU C 3 21.31 -0.61 -24.12
CA GLU C 3 22.63 -0.67 -24.76
C GLU C 3 23.33 -1.99 -24.44
N VAL C 4 23.34 -2.36 -23.17
CA VAL C 4 23.93 -3.63 -22.74
C VAL C 4 22.90 -4.74 -22.93
N LYS C 5 23.32 -5.83 -23.56
CA LYS C 5 22.41 -6.94 -23.83
C LYS C 5 23.10 -8.27 -23.55
N LEU C 6 22.32 -9.22 -23.03
CA LEU C 6 22.77 -10.58 -22.80
C LEU C 6 21.67 -11.53 -23.24
N VAL C 7 22.00 -12.48 -24.10
CA VAL C 7 21.02 -13.42 -24.67
C VAL C 7 21.51 -14.83 -24.38
N GLU C 8 20.89 -15.50 -23.42
CA GLU C 8 21.18 -16.90 -23.17
C GLU C 8 20.43 -17.77 -24.18
N SER C 9 20.96 -18.96 -24.43
CA SER C 9 20.33 -19.88 -25.36
C SER C 9 20.91 -21.28 -25.17
N GLY C 10 20.19 -22.27 -25.68
CA GLY C 10 20.64 -23.65 -25.69
C GLY C 10 19.86 -24.58 -24.78
N GLY C 11 18.79 -24.10 -24.15
CA GLY C 11 18.05 -24.92 -23.21
C GLY C 11 17.20 -26.00 -23.85
N GLY C 12 16.06 -26.30 -23.25
CA GLY C 12 15.16 -27.31 -23.76
C GLY C 12 15.05 -28.50 -22.83
N LEU C 13 14.33 -29.51 -23.31
CA LEU C 13 14.08 -30.71 -22.52
C LEU C 13 15.24 -31.68 -22.67
N VAL C 14 15.62 -32.31 -21.56
CA VAL C 14 16.72 -33.27 -21.51
C VAL C 14 16.36 -34.37 -20.51
N LYS C 15 16.69 -35.61 -20.87
CA LYS C 15 16.48 -36.74 -19.98
C LYS C 15 17.51 -36.70 -18.84
N PRO C 16 17.21 -37.35 -17.72
CA PRO C 16 18.18 -37.39 -16.61
C PRO C 16 19.49 -38.02 -17.05
N GLY C 17 20.58 -37.53 -16.48
CA GLY C 17 21.91 -38.01 -16.82
C GLY C 17 22.46 -37.50 -18.13
N GLY C 18 21.71 -36.66 -18.85
CA GLY C 18 22.14 -36.16 -20.13
C GLY C 18 23.13 -35.01 -20.01
N SER C 19 23.53 -34.49 -21.18
CA SER C 19 24.46 -33.38 -21.27
C SER C 19 23.85 -32.28 -22.12
N LEU C 20 24.31 -31.05 -21.90
CA LEU C 20 23.75 -29.89 -22.57
C LEU C 20 24.68 -28.69 -22.37
N LYS C 21 24.70 -27.79 -23.36
CA LYS C 21 25.52 -26.59 -23.25
C LYS C 21 24.67 -25.35 -23.49
N LEU C 22 24.75 -24.42 -22.56
CA LEU C 22 24.13 -23.13 -22.68
C LEU C 22 25.15 -22.13 -23.20
N SER C 23 24.66 -21.13 -23.92
CA SER C 23 25.50 -20.08 -24.46
C SER C 23 24.88 -18.73 -24.13
N CYS C 24 25.72 -17.72 -24.00
CA CYS C 24 25.25 -16.35 -23.82
C CYS C 24 26.08 -15.43 -24.69
N ALA C 25 25.42 -14.73 -25.61
CA ALA C 25 26.09 -13.77 -26.49
C ALA C 25 26.01 -12.39 -25.84
N ALA C 26 27.16 -11.79 -25.59
CA ALA C 26 27.24 -10.49 -24.95
C ALA C 26 27.54 -9.41 -25.97
N SER C 27 26.90 -8.26 -25.80
CA SER C 27 27.08 -7.13 -26.69
C SER C 27 26.72 -5.86 -25.94
N GLY C 28 27.29 -4.74 -26.39
CA GLY C 28 27.04 -3.46 -25.77
C GLY C 28 28.02 -3.08 -24.67
N PHE C 29 28.98 -3.94 -24.36
CA PHE C 29 30.00 -3.62 -23.37
C PHE C 29 31.26 -4.41 -23.70
N THR C 30 32.38 -3.99 -23.11
CA THR C 30 33.63 -4.69 -23.34
C THR C 30 33.62 -6.01 -22.56
N PHE C 31 33.16 -7.08 -23.21
CA PHE C 31 32.97 -8.36 -22.55
C PHE C 31 34.23 -8.83 -21.84
N SER C 32 35.39 -8.64 -22.47
CA SER C 32 36.64 -9.16 -21.94
C SER C 32 37.07 -8.52 -20.62
N ARG C 33 36.43 -7.43 -20.20
CA ARG C 33 36.81 -6.73 -18.98
C ARG C 33 35.88 -6.99 -17.81
N PHE C 34 34.97 -7.96 -17.91
CA PHE C 34 34.00 -8.22 -16.86
C PHE C 34 33.96 -9.71 -16.54
N GLY C 35 33.97 -10.05 -15.26
CA GLY C 35 33.65 -11.40 -14.85
C GLY C 35 32.18 -11.71 -15.10
N MET C 36 31.87 -13.00 -15.27
CA MET C 36 30.52 -13.41 -15.63
C MET C 36 30.03 -14.48 -14.67
N HIS C 37 28.71 -14.51 -14.49
CA HIS C 37 28.03 -15.44 -13.60
C HIS C 37 27.00 -16.25 -14.37
N TRP C 38 26.72 -17.45 -13.86
CA TRP C 38 25.51 -18.19 -14.19
C TRP C 38 24.67 -18.31 -12.94
N VAL C 39 23.41 -17.90 -13.04
CA VAL C 39 22.45 -18.00 -11.93
C VAL C 39 21.19 -18.65 -12.46
N ARG C 40 20.67 -19.64 -11.73
CA ARG C 40 19.47 -20.36 -12.14
C ARG C 40 18.34 -20.12 -11.13
N GLN C 41 17.11 -20.17 -11.62
CA GLN C 41 15.92 -19.97 -10.79
C GLN C 41 15.01 -21.19 -10.92
N THR C 42 14.78 -21.88 -9.80
CA THR C 42 13.92 -23.04 -9.77
C THR C 42 12.46 -22.65 -10.01
N PRO C 43 11.61 -23.62 -10.37
CA PRO C 43 10.17 -23.31 -10.50
C PRO C 43 9.53 -22.84 -9.21
N GLU C 44 10.15 -23.06 -8.06
CA GLU C 44 9.68 -22.52 -6.79
C GLU C 44 10.14 -21.08 -6.56
N LYS C 45 10.71 -20.44 -7.58
CA LYS C 45 11.17 -19.05 -7.52
C LYS C 45 12.36 -18.87 -6.58
N ARG C 46 13.20 -19.90 -6.44
CA ARG C 46 14.39 -19.81 -5.61
C ARG C 46 15.60 -19.58 -6.49
N LEU C 47 16.39 -18.57 -6.16
CA LEU C 47 17.59 -18.23 -6.93
C LEU C 47 18.80 -18.95 -6.37
N GLU C 48 19.56 -19.59 -7.25
CA GLU C 48 20.76 -20.33 -6.87
C GLU C 48 21.89 -19.93 -7.81
N TRP C 49 22.95 -19.36 -7.23
CA TRP C 49 24.15 -19.07 -8.01
C TRP C 49 24.80 -20.36 -8.45
N VAL C 50 25.21 -20.42 -9.72
CA VAL C 50 25.72 -21.64 -10.34
C VAL C 50 27.24 -21.60 -10.49
N ALA C 51 27.75 -20.63 -11.25
CA ALA C 51 29.18 -20.58 -11.51
C ALA C 51 29.61 -19.14 -11.80
N TYR C 52 30.91 -18.91 -11.63
CA TYR C 52 31.52 -17.61 -11.92
C TYR C 52 32.87 -17.83 -12.59
N ILE C 53 33.20 -16.94 -13.53
CA ILE C 53 34.50 -16.95 -14.18
C ILE C 53 34.99 -15.51 -14.29
N SER C 54 36.27 -15.28 -13.99
CA SER C 54 36.84 -13.95 -14.05
C SER C 54 36.99 -13.51 -15.50
N SER C 55 37.26 -12.22 -15.69
CA SER C 55 37.37 -11.66 -17.04
C SER C 55 38.45 -12.36 -17.85
N GLY C 56 39.62 -12.57 -17.25
CA GLY C 56 40.72 -13.26 -17.87
C GLY C 56 40.74 -14.76 -17.69
N SER C 57 39.72 -15.32 -17.02
CA SER C 57 39.61 -16.76 -16.76
C SER C 57 40.72 -17.24 -15.83
N SER C 58 41.08 -16.42 -14.85
CA SER C 58 42.09 -16.80 -13.87
C SER C 58 41.49 -17.42 -12.62
N THR C 59 40.22 -17.17 -12.34
CA THR C 59 39.55 -17.69 -11.15
C THR C 59 38.18 -18.20 -11.55
N ILE C 60 37.85 -19.42 -11.12
CA ILE C 60 36.58 -20.05 -11.45
C ILE C 60 35.98 -20.64 -10.19
N TYR C 61 34.71 -20.34 -9.95
CA TYR C 61 33.96 -20.87 -8.82
C TYR C 61 32.74 -21.63 -9.33
N TYR C 62 32.43 -22.74 -8.67
CA TYR C 62 31.22 -23.50 -8.95
C TYR C 62 30.46 -23.72 -7.65
N ALA C 63 29.14 -23.74 -7.76
CA ALA C 63 28.32 -24.12 -6.61
C ALA C 63 28.54 -25.59 -6.29
N ASP C 64 28.36 -25.95 -5.02
CA ASP C 64 28.62 -27.32 -4.58
C ASP C 64 27.64 -28.30 -5.21
N THR C 65 26.45 -27.83 -5.59
CA THR C 65 25.45 -28.72 -6.19
C THR C 65 25.79 -29.08 -7.63
N VAL C 66 26.66 -28.33 -8.28
CA VAL C 66 26.99 -28.54 -9.69
C VAL C 66 28.47 -28.79 -9.91
N LYS C 67 29.28 -28.81 -8.85
CA LYS C 67 30.72 -28.96 -9.01
C LYS C 67 31.07 -30.30 -9.63
N GLY C 68 32.08 -30.29 -10.49
CA GLY C 68 32.51 -31.50 -11.19
C GLY C 68 31.75 -31.84 -12.45
N ARG C 69 30.42 -31.75 -12.39
CA ARG C 69 29.59 -32.06 -13.56
C ARG C 69 29.38 -30.85 -14.47
N PHE C 70 29.53 -29.63 -13.96
CA PHE C 70 29.34 -28.43 -14.74
C PHE C 70 30.68 -27.79 -15.05
N THR C 71 30.75 -27.09 -16.18
CA THR C 71 31.98 -26.41 -16.60
C THR C 71 31.62 -25.08 -17.24
N ILE C 72 32.14 -23.99 -16.68
CA ILE C 72 31.95 -22.65 -17.22
C ILE C 72 33.19 -22.26 -18.00
N SER C 73 32.98 -21.57 -19.13
CA SER C 73 34.08 -21.12 -19.96
C SER C 73 33.62 -19.88 -20.72
N ARG C 74 34.57 -19.21 -21.36
CA ARG C 74 34.27 -17.98 -22.06
C ARG C 74 35.22 -17.82 -23.25
N ASP C 75 34.73 -17.13 -24.28
CA ASP C 75 35.50 -16.83 -25.48
C ASP C 75 35.46 -15.31 -25.67
N ASN C 76 36.49 -14.62 -25.18
CA ASN C 76 36.51 -13.16 -25.27
C ASN C 76 36.58 -12.68 -26.71
N ALA C 77 37.12 -13.49 -27.61
CA ALA C 77 37.13 -13.12 -29.02
C ALA C 77 35.74 -13.17 -29.62
N LYS C 78 34.91 -14.10 -29.15
CA LYS C 78 33.54 -14.27 -29.63
C LYS C 78 32.52 -13.57 -28.74
N ASN C 79 32.95 -12.97 -27.63
CA ASN C 79 32.07 -12.31 -26.68
C ASN C 79 30.95 -13.26 -26.25
N THR C 80 31.33 -14.49 -25.89
CA THR C 80 30.37 -15.54 -25.56
C THR C 80 30.77 -16.21 -24.24
N LEU C 81 29.75 -16.51 -23.43
CA LEU C 81 29.93 -17.27 -22.20
C LEU C 81 29.23 -18.61 -22.35
N TYR C 82 29.86 -19.66 -21.82
CA TYR C 82 29.37 -21.02 -21.99
C TYR C 82 29.18 -21.69 -20.64
N LEU C 83 28.26 -22.64 -20.60
CA LEU C 83 28.06 -23.49 -19.43
C LEU C 83 27.83 -24.92 -19.92
N GLN C 84 28.86 -25.76 -19.81
CA GLN C 84 28.73 -27.18 -20.10
C GLN C 84 28.13 -27.89 -18.90
N MET C 85 27.00 -28.58 -19.12
CA MET C 85 26.34 -29.36 -18.09
C MET C 85 26.33 -30.82 -18.48
N SER C 86 26.53 -31.69 -17.50
CA SER C 86 26.50 -33.14 -17.72
C SER C 86 25.99 -33.81 -16.45
N SER C 87 25.59 -35.07 -16.60
CA SER C 87 24.99 -35.84 -15.51
C SER C 87 23.84 -35.06 -14.88
N LEU C 88 22.96 -34.56 -15.74
CA LEU C 88 21.88 -33.68 -15.28
C LEU C 88 20.90 -34.42 -14.39
N ARG C 89 20.39 -33.71 -13.39
CA ARG C 89 19.42 -34.25 -12.45
C ARG C 89 18.15 -33.40 -12.49
N SER C 90 17.07 -33.95 -11.94
CA SER C 90 15.82 -33.21 -11.89
C SER C 90 15.97 -31.89 -11.14
N GLU C 91 16.88 -31.85 -10.16
CA GLU C 91 17.13 -30.62 -9.42
C GLU C 91 17.72 -29.54 -10.31
N ASP C 92 18.31 -29.89 -11.45
CA ASP C 92 18.86 -28.91 -12.37
C ASP C 92 17.81 -28.19 -13.20
N THR C 93 16.54 -28.59 -13.08
CA THR C 93 15.47 -27.93 -13.82
C THR C 93 15.30 -26.51 -13.32
N ALA C 94 15.57 -25.54 -14.21
CA ALA C 94 15.49 -24.13 -13.85
C ALA C 94 15.66 -23.30 -15.12
N ILE C 95 15.34 -22.02 -14.99
CA ILE C 95 15.70 -21.03 -16.00
C ILE C 95 17.08 -20.48 -15.62
N TYR C 96 18.02 -20.56 -16.54
CA TYR C 96 19.41 -20.21 -16.26
C TYR C 96 19.68 -18.82 -16.79
N TYR C 97 20.03 -17.90 -15.89
CA TYR C 97 20.37 -16.54 -16.25
C TYR C 97 21.89 -16.39 -16.30
N CYS C 98 22.33 -15.49 -17.17
CA CYS C 98 23.71 -15.05 -17.22
C CYS C 98 23.78 -13.64 -16.65
N ALA C 99 24.64 -13.44 -15.65
CA ALA C 99 24.74 -12.17 -14.95
C ALA C 99 26.16 -11.63 -15.07
N ARG C 100 26.28 -10.36 -15.43
CA ARG C 100 27.58 -9.70 -15.51
C ARG C 100 28.02 -9.23 -14.13
N SER C 101 29.30 -9.42 -13.84
CA SER C 101 29.89 -8.92 -12.61
C SER C 101 30.39 -7.50 -12.86
N GLY C 102 29.56 -6.51 -12.50
CA GLY C 102 29.91 -5.12 -12.74
C GLY C 102 30.64 -4.55 -11.56
N GLY C 103 31.77 -3.86 -11.86
CA GLY C 103 32.57 -3.24 -10.83
C GLY C 103 32.16 -1.79 -10.61
N ILE C 104 31.91 -1.44 -9.35
CA ILE C 104 31.57 -0.08 -8.95
C ILE C 104 32.72 0.48 -8.15
N GLU C 105 33.36 1.51 -8.67
CA GLU C 105 34.59 2.03 -8.06
C GLU C 105 34.27 3.00 -6.94
N ARG C 106 34.82 2.73 -5.76
CA ARG C 106 34.72 3.60 -4.60
C ARG C 106 36.10 4.18 -4.29
N TYR C 107 36.17 4.96 -3.21
CA TYR C 107 37.44 5.58 -2.84
C TYR C 107 38.46 4.54 -2.38
N ASP C 108 38.02 3.46 -1.76
CA ASP C 108 38.94 2.46 -1.22
C ASP C 108 39.04 1.20 -2.07
N GLY C 109 38.21 1.06 -3.10
CA GLY C 109 38.30 -0.11 -3.95
C GLY C 109 37.08 -0.24 -4.82
N THR C 110 37.00 -1.39 -5.49
CA THR C 110 35.93 -1.71 -6.43
C THR C 110 35.03 -2.79 -5.84
N TYR C 111 33.73 -2.56 -5.90
CA TYR C 111 32.72 -3.48 -5.40
C TYR C 111 32.04 -4.16 -6.59
N TYR C 112 31.99 -5.49 -6.57
CA TYR C 112 31.49 -6.27 -7.69
C TYR C 112 30.13 -6.87 -7.35
N VAL C 113 29.17 -6.67 -8.26
CA VAL C 113 27.79 -7.11 -8.06
C VAL C 113 27.22 -7.49 -9.42
N MET C 114 26.24 -8.39 -9.41
CA MET C 114 25.57 -8.81 -10.64
C MET C 114 24.64 -7.70 -11.09
N ASP C 115 25.11 -6.86 -12.01
CA ASP C 115 24.39 -5.64 -12.37
C ASP C 115 23.52 -5.78 -13.61
N TYR C 116 23.84 -6.72 -14.51
CA TYR C 116 23.06 -6.92 -15.72
C TYR C 116 22.76 -8.40 -15.90
N TRP C 117 21.51 -8.71 -16.21
CA TRP C 117 21.04 -10.07 -16.38
C TRP C 117 20.33 -10.18 -17.73
N GLY C 118 20.47 -11.36 -18.35
CA GLY C 118 19.75 -11.65 -19.57
C GLY C 118 18.36 -12.19 -19.29
N GLN C 119 17.60 -12.38 -20.39
CA GLN C 119 16.26 -12.93 -20.25
C GLN C 119 16.28 -14.37 -19.79
N GLY C 120 17.36 -15.09 -20.04
CA GLY C 120 17.51 -16.45 -19.54
C GLY C 120 16.97 -17.49 -20.51
N THR C 121 17.55 -18.67 -20.44
CA THR C 121 17.08 -19.82 -21.20
C THR C 121 16.62 -20.90 -20.23
N THR C 122 15.60 -21.65 -20.61
CA THR C 122 14.95 -22.59 -19.72
C THR C 122 15.45 -24.01 -19.97
N LEU C 123 15.78 -24.72 -18.89
CA LEU C 123 16.16 -26.12 -18.92
C LEU C 123 15.13 -26.92 -18.14
N THR C 124 14.69 -28.04 -18.71
CA THR C 124 13.69 -28.91 -18.10
C THR C 124 14.21 -30.34 -18.14
N VAL C 125 14.30 -30.99 -16.98
CA VAL C 125 14.76 -32.37 -16.87
C VAL C 125 13.57 -33.27 -16.61
N SER C 126 13.42 -34.29 -17.46
CA SER C 126 12.30 -35.20 -17.43
C SER C 126 12.44 -36.20 -16.29
N SER C 127 11.32 -36.84 -15.95
CA SER C 127 11.30 -37.87 -14.92
C SER C 127 12.27 -39.00 -15.26
N GLY C 141 26.80 -26.24 3.99
CA GLY C 141 27.32 -26.47 5.31
C GLY C 141 27.91 -25.23 5.95
N SER C 142 28.87 -24.62 5.27
CA SER C 142 29.47 -23.36 5.70
C SER C 142 28.92 -22.17 4.92
N ASP C 143 27.83 -22.36 4.18
CA ASP C 143 27.25 -21.27 3.42
C ASP C 143 26.65 -20.21 4.33
N ILE C 144 26.67 -18.97 3.87
CA ILE C 144 26.00 -17.87 4.56
C ILE C 144 24.53 -17.94 4.22
N VAL C 145 23.71 -18.38 5.17
CA VAL C 145 22.27 -18.51 4.96
C VAL C 145 21.62 -17.17 5.23
N LEU C 146 20.84 -16.68 4.27
CA LEU C 146 20.11 -15.42 4.40
C LEU C 146 18.65 -15.74 4.67
N THR C 147 18.20 -15.44 5.88
CA THR C 147 16.80 -15.63 6.27
C THR C 147 16.05 -14.35 5.94
N GLN C 148 15.22 -14.39 4.90
CA GLN C 148 14.47 -13.23 4.46
C GLN C 148 13.09 -13.23 5.11
N SER C 149 12.59 -12.03 5.39
CA SER C 149 11.29 -11.86 6.04
C SER C 149 10.66 -10.57 5.53
N PRO C 150 9.34 -10.56 5.30
CA PRO C 150 8.42 -11.69 5.49
C PRO C 150 8.33 -12.60 4.28
N ALA C 151 7.45 -13.62 4.34
CA ALA C 151 7.27 -14.49 3.19
C ALA C 151 6.59 -13.76 2.04
N SER C 152 5.69 -12.85 2.36
CA SER C 152 5.02 -12.00 1.39
C SER C 152 4.42 -10.83 2.15
N LEU C 153 3.94 -9.83 1.40
CA LEU C 153 3.33 -8.68 2.03
C LEU C 153 2.41 -8.02 1.02
N THR C 154 1.26 -7.57 1.51
CA THR C 154 0.25 -6.91 0.69
C THR C 154 0.01 -5.54 1.29
N VAL C 155 0.41 -4.49 0.57
CA VAL C 155 0.41 -3.12 1.08
C VAL C 155 -0.46 -2.23 0.20
N SER C 156 -1.14 -1.28 0.82
CA SER C 156 -1.89 -0.28 0.07
C SER C 156 -0.94 0.70 -0.59
N LEU C 157 -1.46 1.41 -1.58
CA LEU C 157 -0.65 2.37 -2.33
C LEU C 157 -0.24 3.53 -1.42
N GLY C 158 1.06 3.84 -1.42
CA GLY C 158 1.59 4.96 -0.66
C GLY C 158 2.08 4.63 0.73
N GLN C 159 1.67 3.50 1.30
CA GLN C 159 2.08 3.13 2.65
C GLN C 159 3.47 2.47 2.58
N ARG C 160 3.91 1.91 3.70
CA ARG C 160 5.28 1.44 3.82
C ARG C 160 5.35 -0.08 3.65
N ALA C 161 6.43 -0.54 3.02
CA ALA C 161 6.74 -1.96 2.89
C ALA C 161 8.17 -2.19 3.37
N THR C 162 8.34 -3.12 4.30
CA THR C 162 9.63 -3.39 4.91
C THR C 162 9.97 -4.87 4.74
N ILE C 163 11.11 -5.14 4.11
CA ILE C 163 11.64 -6.49 3.94
C ILE C 163 12.97 -6.55 4.67
N SER C 164 13.13 -7.53 5.55
CA SER C 164 14.31 -7.66 6.37
C SER C 164 15.12 -8.88 5.95
N CYS C 165 16.36 -8.93 6.41
CA CYS C 165 17.24 -10.05 6.13
C CYS C 165 18.15 -10.29 7.33
N ARG C 166 18.25 -11.54 7.74
N ARG C 166 18.21 -11.54 7.78
CA ARG C 166 19.10 -11.94 8.86
CA ARG C 166 19.11 -11.94 8.85
C ARG C 166 20.07 -13.00 8.35
C ARG C 166 20.06 -12.98 8.29
N ALA C 167 21.34 -12.61 8.16
CA ALA C 167 22.34 -13.55 7.69
C ALA C 167 22.79 -14.45 8.81
N SER C 168 23.09 -15.71 8.46
CA SER C 168 23.55 -16.66 9.46
C SER C 168 24.88 -16.26 10.07
N GLU C 169 25.64 -15.41 9.40
CA GLU C 169 26.88 -14.89 9.93
C GLU C 169 27.22 -13.59 9.19
N SER C 170 28.25 -12.91 9.69
CA SER C 170 28.55 -11.56 9.22
C SER C 170 28.97 -11.54 7.75
N VAL C 171 28.35 -10.64 6.99
CA VAL C 171 28.76 -10.38 5.62
C VAL C 171 29.62 -9.12 5.53
N ASP C 172 30.11 -8.60 6.66
CA ASP C 172 30.98 -7.44 6.66
C ASP C 172 32.40 -7.82 6.29
N TYR C 173 33.05 -6.97 5.49
CA TYR C 173 34.45 -7.16 5.14
C TYR C 173 35.10 -5.79 4.99
N TYR C 174 35.98 -5.45 5.92
CA TYR C 174 36.75 -4.20 5.88
C TYR C 174 35.82 -2.97 5.84
N GLY C 175 34.90 -2.92 6.80
CA GLY C 175 34.05 -1.76 6.95
C GLY C 175 32.89 -1.68 5.99
N LYS C 176 32.79 -2.60 5.03
CA LYS C 176 31.70 -2.61 4.06
C LYS C 176 30.83 -3.84 4.29
N SER C 177 29.52 -3.67 4.11
CA SER C 177 28.57 -4.76 4.23
C SER C 177 28.21 -5.26 2.83
N PHE C 178 28.58 -6.51 2.54
CA PHE C 178 28.39 -7.08 1.21
C PHE C 178 26.98 -7.68 1.08
N MET C 179 25.99 -6.80 1.19
CA MET C 179 24.59 -7.17 1.10
C MET C 179 23.96 -6.45 -0.08
N ASN C 180 23.24 -7.18 -0.92
CA ASN C 180 22.64 -6.63 -2.13
C ASN C 180 21.18 -7.04 -2.20
N TRP C 181 20.39 -6.24 -2.92
CA TRP C 181 18.97 -6.46 -3.08
C TRP C 181 18.59 -6.43 -4.56
N TYR C 182 17.75 -7.38 -4.96
CA TYR C 182 17.30 -7.51 -6.33
C TYR C 182 15.78 -7.49 -6.40
N GLN C 183 15.26 -6.93 -7.50
CA GLN C 183 13.83 -6.87 -7.75
C GLN C 183 13.51 -7.67 -9.01
N GLN C 184 12.49 -8.51 -8.95
CA GLN C 184 12.10 -9.35 -10.08
C GLN C 184 10.59 -9.34 -10.24
N LYS C 185 10.12 -8.86 -11.41
CA LYS C 185 8.78 -8.87 -11.96
C LYS C 185 8.60 -10.07 -12.89
N PRO C 186 7.36 -10.56 -13.07
CA PRO C 186 7.17 -11.77 -13.89
C PRO C 186 7.64 -11.57 -15.32
N GLY C 187 8.30 -12.61 -15.86
CA GLY C 187 8.83 -12.58 -17.20
C GLY C 187 10.15 -11.87 -17.35
N GLN C 188 10.63 -11.19 -16.31
N GLN C 188 10.64 -11.19 -16.32
CA GLN C 188 11.88 -10.44 -16.37
CA GLN C 188 11.88 -10.44 -16.38
C GLN C 188 12.90 -11.05 -15.42
C GLN C 188 12.90 -11.00 -15.39
N PRO C 189 14.19 -10.88 -15.69
CA PRO C 189 15.22 -11.35 -14.75
C PRO C 189 15.29 -10.45 -13.54
N PRO C 190 15.99 -10.87 -12.49
CA PRO C 190 16.16 -9.98 -11.32
C PRO C 190 16.89 -8.71 -11.73
N LYS C 191 16.50 -7.59 -11.11
CA LYS C 191 17.16 -6.32 -11.37
C LYS C 191 17.76 -5.78 -10.08
N LEU C 192 18.99 -5.27 -10.17
CA LEU C 192 19.69 -4.79 -9.00
C LEU C 192 19.04 -3.52 -8.47
N LEU C 193 18.65 -3.54 -7.20
CA LEU C 193 18.12 -2.36 -6.52
C LEU C 193 19.16 -1.71 -5.63
N ILE C 194 19.61 -2.42 -4.61
CA ILE C 194 20.55 -1.91 -3.63
C ILE C 194 21.81 -2.77 -3.69
N TYR C 195 22.96 -2.13 -3.65
CA TYR C 195 24.23 -2.83 -3.51
C TYR C 195 24.99 -2.27 -2.31
N ALA C 196 25.85 -3.10 -1.73
CA ALA C 196 26.66 -2.71 -0.58
C ALA C 196 25.79 -2.18 0.56
N ALA C 197 24.72 -2.94 0.86
CA ALA C 197 23.83 -2.70 1.98
C ALA C 197 22.95 -1.45 1.81
N SER C 198 23.53 -0.33 1.39
CA SER C 198 22.81 0.94 1.40
C SER C 198 22.92 1.76 0.13
N ASN C 199 23.66 1.30 -0.88
CA ASN C 199 23.88 2.11 -2.07
C ASN C 199 22.82 1.84 -3.13
N GLN C 200 22.41 2.89 -3.82
CA GLN C 200 21.34 2.85 -4.79
C GLN C 200 21.89 2.58 -6.19
N GLY C 201 21.21 1.71 -6.92
CA GLY C 201 21.62 1.39 -8.27
C GLY C 201 21.37 2.54 -9.23
N SER C 202 21.64 2.27 -10.50
CA SER C 202 21.46 3.28 -11.54
C SER C 202 19.98 3.58 -11.72
N GLY C 203 19.58 4.83 -11.48
CA GLY C 203 18.19 5.23 -11.63
C GLY C 203 17.22 4.47 -10.77
N ILE C 204 17.59 4.20 -9.52
CA ILE C 204 16.70 3.55 -8.56
C ILE C 204 16.04 4.65 -7.72
N PRO C 205 14.72 4.69 -7.64
CA PRO C 205 14.06 5.78 -6.89
C PRO C 205 14.49 5.82 -5.43
N ALA C 206 14.49 7.03 -4.87
CA ALA C 206 14.94 7.24 -3.50
C ALA C 206 14.03 6.57 -2.47
N ARG C 207 12.81 6.17 -2.85
CA ARG C 207 11.94 5.49 -1.90
C ARG C 207 12.44 4.10 -1.55
N PHE C 208 13.37 3.55 -2.34
CA PHE C 208 14.05 2.31 -1.99
C PHE C 208 15.28 2.68 -1.15
N SER C 209 15.33 2.14 0.06
CA SER C 209 16.40 2.47 1.00
C SER C 209 16.85 1.19 1.67
N GLY C 210 18.13 0.85 1.48
CA GLY C 210 18.73 -0.30 2.11
C GLY C 210 19.54 0.14 3.31
N SER C 211 19.59 -0.72 4.32
CA SER C 211 20.31 -0.41 5.54
C SER C 211 20.74 -1.69 6.22
N GLY C 212 21.49 -1.54 7.31
CA GLY C 212 21.94 -2.66 8.11
C GLY C 212 23.46 -2.80 8.08
N SER C 213 23.92 -3.78 8.85
CA SER C 213 25.34 -4.08 8.98
C SER C 213 25.47 -5.43 9.68
N GLY C 214 26.61 -6.09 9.45
CA GLY C 214 26.87 -7.36 10.07
C GLY C 214 25.97 -8.48 9.58
N THR C 215 24.95 -8.81 10.37
CA THR C 215 24.02 -9.88 10.03
C THR C 215 22.59 -9.41 9.82
N ASP C 216 22.25 -8.17 10.18
CA ASP C 216 20.88 -7.67 10.12
C ASP C 216 20.80 -6.57 9.07
N PHE C 217 19.90 -6.74 8.11
CA PHE C 217 19.75 -5.80 7.00
C PHE C 217 18.27 -5.60 6.70
N THR C 218 17.95 -4.46 6.09
CA THR C 218 16.56 -4.10 5.82
C THR C 218 16.44 -3.40 4.48
N LEU C 219 15.36 -3.71 3.76
CA LEU C 219 14.96 -2.99 2.56
C LEU C 219 13.61 -2.34 2.81
N ASN C 220 13.59 -1.01 2.90
CA ASN C 220 12.38 -0.25 3.15
CA ASN C 220 12.38 -0.24 3.16
C ASN C 220 11.91 0.44 1.88
N ILE C 221 10.60 0.39 1.63
CA ILE C 221 10.00 1.00 0.45
C ILE C 221 8.87 1.91 0.93
N HIS C 222 9.04 3.22 0.74
CA HIS C 222 8.08 4.21 1.20
C HIS C 222 8.29 5.51 0.45
N PRO C 223 7.28 6.02 -0.29
CA PRO C 223 5.96 5.38 -0.42
C PRO C 223 5.85 4.36 -1.55
N VAL C 224 5.17 3.26 -1.26
CA VAL C 224 5.00 2.21 -2.27
C VAL C 224 4.07 2.70 -3.37
N GLU C 225 4.51 2.52 -4.61
CA GLU C 225 3.76 2.77 -5.83
C GLU C 225 3.42 1.47 -6.54
N GLU C 226 2.57 1.59 -7.57
CA GLU C 226 2.10 0.41 -8.26
C GLU C 226 3.26 -0.35 -8.88
N GLU C 227 4.26 0.37 -9.39
CA GLU C 227 5.37 -0.28 -10.06
C GLU C 227 6.24 -1.10 -9.12
N ASP C 228 6.08 -0.95 -7.81
CA ASP C 228 6.86 -1.73 -6.85
C ASP C 228 6.38 -3.17 -6.70
N ALA C 229 5.30 -3.56 -7.40
CA ALA C 229 4.80 -4.92 -7.32
C ALA C 229 5.78 -5.87 -8.01
N ALA C 230 6.47 -6.68 -7.22
CA ALA C 230 7.48 -7.60 -7.71
C ALA C 230 7.88 -8.52 -6.57
N THR C 231 8.86 -9.37 -6.83
CA THR C 231 9.45 -10.24 -5.82
C THR C 231 10.85 -9.74 -5.52
N TYR C 232 11.17 -9.60 -4.23
CA TYR C 232 12.43 -9.01 -3.81
C TYR C 232 13.30 -10.06 -3.13
N TYR C 233 14.58 -10.05 -3.46
CA TYR C 233 15.54 -11.00 -2.94
C TYR C 233 16.73 -10.25 -2.37
N CYS C 234 17.19 -10.68 -1.20
CA CYS C 234 18.48 -10.23 -0.70
C CYS C 234 19.57 -11.19 -1.18
N GLN C 235 20.79 -10.66 -1.27
CA GLN C 235 21.92 -11.47 -1.72
C GLN C 235 23.18 -10.95 -1.05
N GLN C 236 23.98 -11.87 -0.51
CA GLN C 236 25.28 -11.55 0.05
C GLN C 236 26.37 -11.91 -0.95
N SER C 237 27.35 -11.02 -1.10
CA SER C 237 28.46 -11.25 -2.02
C SER C 237 29.80 -11.16 -1.31
N LYS C 238 29.86 -11.58 -0.04
CA LYS C 238 31.14 -11.59 0.66
C LYS C 238 31.88 -12.91 0.48
N GLU C 239 31.20 -14.04 0.63
CA GLU C 239 31.83 -15.34 0.57
C GLU C 239 31.22 -16.20 -0.52
N VAL C 240 32.03 -17.09 -1.06
CA VAL C 240 31.57 -18.09 -2.04
C VAL C 240 31.01 -19.29 -1.28
N PRO C 241 29.81 -19.78 -1.66
CA PRO C 241 28.98 -19.35 -2.78
C PRO C 241 28.15 -18.10 -2.51
N TRP C 242 27.90 -17.32 -3.57
CA TRP C 242 26.86 -16.30 -3.52
C TRP C 242 25.53 -16.96 -3.17
N THR C 243 24.84 -16.39 -2.18
CA THR C 243 23.57 -16.96 -1.72
C THR C 243 22.48 -15.90 -1.72
N PHE C 244 21.25 -16.36 -1.87
CA PHE C 244 20.08 -15.50 -2.00
C PHE C 244 19.08 -15.77 -0.89
N GLY C 245 18.29 -14.76 -0.56
CA GLY C 245 17.13 -14.97 0.27
C GLY C 245 16.03 -15.71 -0.46
N ALA C 246 15.08 -16.25 0.31
CA ALA C 246 14.00 -17.02 -0.30
C ALA C 246 13.07 -16.16 -1.16
N GLY C 247 13.03 -14.86 -0.92
CA GLY C 247 12.23 -13.97 -1.72
C GLY C 247 10.96 -13.52 -1.02
N THR C 248 10.53 -12.30 -1.31
CA THR C 248 9.30 -11.73 -0.76
C THR C 248 8.52 -11.09 -1.88
N LYS C 249 7.33 -11.62 -2.17
CA LYS C 249 6.48 -11.11 -3.24
C LYS C 249 5.61 -9.97 -2.71
N LEU C 250 5.79 -8.79 -3.27
CA LEU C 250 5.03 -7.60 -2.88
C LEU C 250 3.84 -7.43 -3.82
N GLU C 251 2.65 -7.34 -3.23
CA GLU C 251 1.42 -7.07 -3.96
C GLU C 251 0.80 -5.79 -3.44
N ILE C 252 0.00 -5.15 -4.28
CA ILE C 252 -0.67 -3.90 -3.93
C ILE C 252 -2.16 -4.19 -3.74
N LYS C 253 -2.69 -3.76 -2.59
CA LYS C 253 -4.12 -3.85 -2.29
C LYS C 253 -5.02 -3.61 -3.50
N ALA D 2 -9.34 31.63 4.35
CA ALA D 2 -10.17 32.50 5.18
C ALA D 2 -11.09 31.67 6.08
N GLU D 3 -11.84 30.75 5.47
CA GLU D 3 -12.79 29.93 6.20
C GLU D 3 -12.08 28.66 6.68
N VAL D 4 -11.94 28.53 8.00
CA VAL D 4 -11.29 27.36 8.58
C VAL D 4 -12.30 26.23 8.63
N LYS D 5 -11.90 25.05 8.15
CA LYS D 5 -12.79 23.91 8.07
C LYS D 5 -12.06 22.65 8.53
N LEU D 6 -12.80 21.77 9.19
CA LEU D 6 -12.31 20.47 9.60
C LEU D 6 -13.39 19.44 9.31
N VAL D 7 -13.02 18.38 8.59
CA VAL D 7 -13.98 17.37 8.15
C VAL D 7 -13.47 16.01 8.64
N GLU D 8 -14.09 15.49 9.68
CA GLU D 8 -13.78 14.14 10.14
C GLU D 8 -14.52 13.12 9.27
N SER D 9 -13.97 11.92 9.21
CA SER D 9 -14.58 10.85 8.42
C SER D 9 -13.97 9.52 8.85
N GLY D 10 -14.66 8.45 8.49
CA GLY D 10 -14.16 7.11 8.73
C GLY D 10 -14.90 6.29 9.77
N GLY D 11 -16.02 6.79 10.28
CA GLY D 11 -16.72 6.09 11.34
C GLY D 11 -17.46 4.84 10.93
N GLY D 12 -18.57 4.55 11.59
CA GLY D 12 -19.39 3.40 11.30
C GLY D 12 -19.40 2.41 12.45
N LEU D 13 -20.06 1.29 12.20
CA LEU D 13 -20.23 0.25 13.21
C LEU D 13 -19.04 -0.71 13.23
N VAL D 14 -18.63 -1.11 14.44
CA VAL D 14 -17.52 -2.03 14.64
C VAL D 14 -17.86 -2.91 15.85
N LYS D 15 -17.56 -4.20 15.73
CA LYS D 15 -17.75 -5.13 16.84
C LYS D 15 -16.70 -4.87 17.93
N PRO D 16 -16.96 -5.29 19.16
CA PRO D 16 -15.95 -5.11 20.21
C PRO D 16 -14.65 -5.80 19.85
N GLY D 17 -13.54 -5.18 20.25
CA GLY D 17 -12.22 -5.67 19.91
C GLY D 17 -11.78 -5.36 18.50
N GLY D 18 -12.62 -4.70 17.70
CA GLY D 18 -12.27 -4.38 16.33
C GLY D 18 -11.36 -3.16 16.21
N SER D 19 -11.04 -2.83 14.97
CA SER D 19 -10.17 -1.70 14.65
C SER D 19 -10.84 -0.79 13.64
N LEU D 20 -10.41 0.46 13.63
CA LEU D 20 -10.98 1.50 12.78
C LEU D 20 -10.02 2.67 12.78
N LYS D 21 -10.00 3.41 11.65
CA LYS D 21 -9.10 4.54 11.49
C LYS D 21 -9.90 5.76 11.04
N LEU D 22 -9.79 6.85 11.79
CA LEU D 22 -10.43 8.11 11.44
C LEU D 22 -9.44 9.05 10.75
N SER D 23 -9.98 9.92 9.91
CA SER D 23 -9.22 10.93 9.20
C SER D 23 -9.91 12.27 9.34
N CYS D 24 -9.13 13.35 9.29
CA CYS D 24 -9.68 14.70 9.29
C CYS D 24 -8.95 15.53 8.26
N ALA D 25 -9.69 16.05 7.29
CA ALA D 25 -9.12 16.92 6.25
C ALA D 25 -9.24 18.37 6.70
N ALA D 26 -8.10 19.06 6.79
CA ALA D 26 -8.05 20.43 7.23
C ALA D 26 -7.85 21.37 6.04
N SER D 27 -8.52 22.52 6.09
CA SER D 27 -8.39 23.51 5.03
C SER D 27 -8.72 24.89 5.60
N GLY D 28 -8.17 25.92 4.98
CA GLY D 28 -8.39 27.28 5.41
C GLY D 28 -7.36 27.83 6.38
N PHE D 29 -6.38 27.02 6.79
CA PHE D 29 -5.32 27.50 7.67
C PHE D 29 -4.07 26.65 7.43
N THR D 30 -2.94 27.18 7.88
CA THR D 30 -1.68 26.46 7.76
C THR D 30 -1.64 25.34 8.79
N PHE D 31 -2.07 24.15 8.36
CA PHE D 31 -2.24 23.02 9.27
C PHE D 31 -0.99 22.72 10.09
N SER D 32 0.19 22.81 9.45
CA SER D 32 1.44 22.41 10.10
C SER D 32 1.83 23.29 11.29
N ARG D 33 1.17 24.43 11.50
CA ARG D 33 1.53 25.35 12.57
C ARG D 33 0.61 25.29 13.77
N PHE D 34 -0.28 24.29 13.83
CA PHE D 34 -1.28 24.21 14.91
C PHE D 34 -1.30 22.79 15.48
N GLY D 35 -1.33 22.71 16.81
CA GLY D 35 -1.64 21.45 17.44
C GLY D 35 -3.08 21.05 17.21
N MET D 36 -3.35 19.74 17.25
CA MET D 36 -4.66 19.23 16.94
C MET D 36 -5.15 18.29 18.03
N HIS D 37 -6.47 18.25 18.20
CA HIS D 37 -7.11 17.44 19.22
C HIS D 37 -8.10 16.48 18.60
N TRP D 38 -8.33 15.36 19.29
CA TRP D 38 -9.50 14.52 19.09
C TRP D 38 -10.34 14.59 20.36
N VAL D 39 -11.61 14.94 20.21
CA VAL D 39 -12.55 14.97 21.33
C VAL D 39 -13.79 14.20 20.93
N ARG D 40 -14.26 13.34 21.83
CA ARG D 40 -15.43 12.52 21.56
C ARG D 40 -16.58 12.90 22.48
N GLN D 41 -17.80 12.72 21.97
CA GLN D 41 -19.01 13.02 22.71
C GLN D 41 -19.87 11.77 22.78
N THR D 42 -20.09 11.27 23.99
CA THR D 42 -20.91 10.08 24.19
C THR D 42 -22.36 10.38 23.85
N PRO D 43 -23.17 9.35 23.62
CA PRO D 43 -24.60 9.58 23.38
C PRO D 43 -25.33 10.28 24.52
N GLU D 44 -24.74 10.33 25.72
CA GLU D 44 -25.32 11.07 26.83
C GLU D 44 -24.94 12.55 26.83
N LYS D 45 -24.33 13.05 25.75
CA LYS D 45 -23.93 14.46 25.62
C LYS D 45 -22.79 14.84 26.57
N ARG D 46 -21.94 13.90 26.94
CA ARG D 46 -20.79 14.20 27.79
C ARG D 46 -19.52 14.20 26.94
N LEU D 47 -18.74 15.27 27.05
CA LEU D 47 -17.55 15.46 26.23
C LEU D 47 -16.33 14.86 26.91
N GLU D 48 -15.54 14.11 26.14
CA GLU D 48 -14.34 13.44 26.64
C GLU D 48 -13.18 13.72 25.68
N TRP D 49 -12.15 14.40 26.18
CA TRP D 49 -10.95 14.61 25.38
C TRP D 49 -10.23 13.29 25.14
N VAL D 50 -9.80 13.07 23.89
CA VAL D 50 -9.24 11.79 23.47
C VAL D 50 -7.72 11.86 23.30
N ALA D 51 -7.24 12.70 22.38
CA ALA D 51 -5.82 12.73 22.10
C ALA D 51 -5.42 14.11 21.58
N TYR D 52 -4.13 14.41 21.69
CA TYR D 52 -3.55 15.66 21.21
C TYR D 52 -2.19 15.40 20.57
N ILE D 53 -1.90 16.14 19.52
CA ILE D 53 -0.61 16.10 18.84
C ILE D 53 -0.16 17.52 18.54
N SER D 54 1.12 17.80 18.81
CA SER D 54 1.66 19.12 18.56
C SER D 54 1.81 19.34 17.05
N SER D 55 2.04 20.60 16.68
CA SER D 55 2.14 20.95 15.27
C SER D 55 3.24 20.18 14.56
N GLY D 56 4.42 20.10 15.19
CA GLY D 56 5.55 19.36 14.70
C GLY D 56 5.63 17.91 15.12
N SER D 57 4.63 17.41 15.86
CA SER D 57 4.60 16.04 16.36
C SER D 57 5.69 15.79 17.40
N SER D 58 5.97 16.79 18.23
CA SER D 58 6.96 16.63 19.29
C SER D 58 6.36 16.21 20.62
N THR D 59 5.06 16.43 20.82
CA THR D 59 4.39 16.11 22.07
C THR D 59 3.08 15.40 21.77
N ILE D 60 2.84 14.29 22.46
CA ILE D 60 1.65 13.46 22.23
C ILE D 60 1.01 13.15 23.58
N TYR D 61 -0.29 13.40 23.70
CA TYR D 61 -1.05 13.07 24.90
C TYR D 61 -2.23 12.17 24.54
N TYR D 62 -2.51 11.20 25.42
CA TYR D 62 -3.69 10.36 25.30
C TYR D 62 -4.45 10.35 26.62
N ALA D 63 -5.77 10.24 26.52
CA ALA D 63 -6.59 10.01 27.70
C ALA D 63 -6.34 8.62 28.26
N ASP D 64 -6.55 8.47 29.57
CA ASP D 64 -6.26 7.20 30.22
C ASP D 64 -7.15 6.07 29.71
N THR D 65 -8.34 6.41 29.21
CA THR D 65 -9.27 5.40 28.72
C THR D 65 -8.86 4.84 27.37
N VAL D 66 -7.96 5.50 26.65
CA VAL D 66 -7.59 5.13 25.30
C VAL D 66 -6.11 4.80 25.14
N LYS D 67 -5.33 4.81 26.22
CA LYS D 67 -3.89 4.56 26.09
C LYS D 67 -3.63 3.17 25.52
N GLY D 68 -2.62 3.08 24.67
CA GLY D 68 -2.25 1.80 24.09
C GLY D 68 -3.10 1.39 22.91
N ARG D 69 -4.41 1.57 23.02
CA ARG D 69 -5.33 1.18 21.96
C ARG D 69 -5.50 2.24 20.88
N PHE D 70 -5.29 3.51 21.21
CA PHE D 70 -5.44 4.60 20.27
C PHE D 70 -4.07 5.14 19.87
N THR D 71 -4.00 5.67 18.65
CA THR D 71 -2.79 6.27 18.13
C THR D 71 -3.17 7.48 17.28
N ILE D 72 -2.66 8.65 17.66
CA ILE D 72 -2.90 9.88 16.93
C ILE D 72 -1.67 10.18 16.08
N SER D 73 -1.90 10.66 14.86
CA SER D 73 -0.82 11.01 13.95
C SER D 73 -1.31 12.06 12.97
N ARG D 74 -0.36 12.63 12.23
CA ARG D 74 -0.69 13.69 11.28
C ARG D 74 0.28 13.66 10.11
N ASP D 75 -0.21 14.11 8.95
CA ASP D 75 0.58 14.24 7.74
C ASP D 75 0.43 15.69 7.28
N ASN D 76 1.39 16.53 7.65
CA ASN D 76 1.30 17.96 7.32
C ASN D 76 1.34 18.21 5.83
N ALA D 77 1.92 17.29 5.04
CA ALA D 77 1.92 17.46 3.59
C ALA D 77 0.52 17.27 3.02
N LYS D 78 -0.29 16.38 3.61
CA LYS D 78 -1.64 16.11 3.15
C LYS D 78 -2.69 16.89 3.92
N ASN D 79 -2.26 17.70 4.90
CA ASN D 79 -3.17 18.45 5.77
C ASN D 79 -4.22 17.54 6.38
N THR D 80 -3.77 16.42 6.92
CA THR D 80 -4.67 15.41 7.45
C THR D 80 -4.25 14.99 8.85
N LEU D 81 -5.23 14.78 9.72
CA LEU D 81 -5.04 14.24 11.06
C LEU D 81 -5.69 12.87 11.14
N TYR D 82 -5.03 11.94 11.84
CA TYR D 82 -5.51 10.57 11.91
C TYR D 82 -5.70 10.13 13.35
N LEU D 83 -6.61 9.17 13.54
CA LEU D 83 -6.80 8.51 14.83
C LEU D 83 -6.99 7.01 14.57
N GLN D 84 -5.93 6.23 14.85
CA GLN D 84 -6.02 4.79 14.78
C GLN D 84 -6.64 4.24 16.06
N MET D 85 -7.71 3.49 15.93
CA MET D 85 -8.37 2.87 17.07
C MET D 85 -8.27 1.36 16.94
N SER D 86 -8.06 0.69 18.06
CA SER D 86 -8.01 -0.77 18.06
C SER D 86 -8.52 -1.26 19.41
N SER D 87 -8.87 -2.55 19.45
CA SER D 87 -9.46 -3.16 20.64
C SER D 87 -10.64 -2.33 21.13
N LEU D 88 -11.53 -2.00 20.20
CA LEU D 88 -12.63 -1.11 20.51
C LEU D 88 -13.61 -1.75 21.49
N ARG D 89 -14.12 -0.95 22.41
CA ARG D 89 -15.10 -1.38 23.40
C ARG D 89 -16.35 -0.53 23.28
N SER D 90 -17.44 -1.01 23.88
CA SER D 90 -18.71 -0.30 23.81
C SER D 90 -18.64 1.10 24.39
N GLU D 91 -17.77 1.31 25.39
CA GLU D 91 -17.62 2.65 25.96
C GLU D 91 -17.03 3.63 24.96
N ASP D 92 -16.36 3.15 23.91
CA ASP D 92 -15.79 4.03 22.89
C ASP D 92 -16.84 4.54 21.90
N THR D 93 -18.09 4.09 22.00
CA THR D 93 -19.14 4.56 21.12
C THR D 93 -19.41 6.04 21.36
N ALA D 94 -19.14 6.86 20.34
CA ALA D 94 -19.28 8.31 20.46
C ALA D 94 -19.13 8.92 19.07
N ILE D 95 -19.49 10.19 18.97
CA ILE D 95 -19.13 11.01 17.82
C ILE D 95 -17.80 11.69 18.09
N TYR D 96 -16.85 11.52 17.16
CA TYR D 96 -15.49 11.98 17.36
C TYR D 96 -15.28 13.30 16.61
N TYR D 97 -14.97 14.35 17.35
CA TYR D 97 -14.67 15.65 16.78
C TYR D 97 -13.17 15.86 16.71
N CYS D 98 -12.76 16.61 15.69
CA CYS D 98 -11.39 17.11 15.59
C CYS D 98 -11.41 18.60 15.90
N ALA D 99 -10.57 19.01 16.85
CA ALA D 99 -10.53 20.39 17.32
C ALA D 99 -9.14 20.95 17.13
N ARG D 100 -9.06 22.15 16.56
CA ARG D 100 -7.78 22.82 16.39
C ARG D 100 -7.37 23.51 17.68
N SER D 101 -6.09 23.42 18.01
CA SER D 101 -5.53 24.12 19.17
C SER D 101 -5.08 25.49 18.71
N GLY D 102 -5.94 26.49 18.92
CA GLY D 102 -5.63 27.84 18.46
C GLY D 102 -4.89 28.62 19.54
N GLY D 103 -3.78 29.24 19.13
CA GLY D 103 -2.98 30.03 20.04
C GLY D 103 -3.39 31.48 20.01
N ILE D 104 -3.65 32.04 21.19
CA ILE D 104 -4.00 33.44 21.33
C ILE D 104 -2.84 34.14 22.03
N GLU D 105 -2.20 35.07 21.33
CA GLU D 105 -0.98 35.70 21.81
C GLU D 105 -1.32 36.87 22.72
N ARG D 106 -0.77 36.86 23.93
CA ARG D 106 -0.88 37.95 24.88
C ARG D 106 0.49 38.58 25.08
N TYR D 107 0.54 39.57 25.98
CA TYR D 107 1.79 40.27 26.23
C TYR D 107 2.84 39.36 26.87
N ASP D 108 2.42 38.41 27.70
CA ASP D 108 3.35 37.57 28.45
C ASP D 108 3.46 36.15 27.89
N GLY D 109 2.66 35.79 26.90
CA GLY D 109 2.76 34.47 26.32
C GLY D 109 1.55 34.15 25.46
N THR D 110 1.50 32.89 25.02
CA THR D 110 0.45 32.39 24.14
C THR D 110 -0.44 31.41 24.89
N TYR D 111 -1.75 31.61 24.78
CA TYR D 111 -2.75 30.75 25.40
C TYR D 111 -3.41 29.90 24.31
N TYR D 112 -3.46 28.59 24.52
CA TYR D 112 -3.94 27.65 23.52
C TYR D 112 -5.30 27.09 23.93
N VAL D 113 -6.24 27.09 22.99
CA VAL D 113 -7.61 26.67 23.26
C VAL D 113 -8.17 26.00 22.00
N MET D 114 -9.13 25.10 22.19
CA MET D 114 -9.80 24.43 21.08
C MET D 114 -10.78 25.43 20.45
N ASP D 115 -10.33 26.11 19.40
CA ASP D 115 -11.09 27.23 18.84
C ASP D 115 -11.94 26.86 17.63
N TYR D 116 -11.58 25.82 16.88
CA TYR D 116 -12.35 25.42 15.72
C TYR D 116 -12.57 23.91 15.77
N TRP D 117 -13.81 23.50 15.49
CA TRP D 117 -14.20 22.10 15.55
C TRP D 117 -14.85 21.70 14.23
N GLY D 118 -14.63 20.45 13.85
CA GLY D 118 -15.30 19.90 12.69
C GLY D 118 -16.68 19.36 13.02
N GLN D 119 -17.40 18.95 11.97
CA GLN D 119 -18.73 18.39 12.19
C GLN D 119 -18.69 17.02 12.86
N GLY D 120 -17.58 16.30 12.73
CA GLY D 120 -17.46 15.05 13.46
C GLY D 120 -17.96 13.86 12.67
N THR D 121 -17.38 12.70 12.99
CA THR D 121 -17.78 11.41 12.44
C THR D 121 -18.25 10.51 13.58
N THR D 122 -19.23 9.66 13.28
CA THR D 122 -19.89 8.86 14.31
C THR D 122 -19.31 7.46 14.36
N LEU D 123 -18.97 7.01 15.57
CA LEU D 123 -18.51 5.66 15.82
C LEU D 123 -19.49 4.97 16.76
N THR D 124 -19.88 3.74 16.41
CA THR D 124 -20.80 2.95 17.22
C THR D 124 -20.24 1.55 17.37
N VAL D 125 -20.03 1.11 18.61
CA VAL D 125 -19.55 -0.24 18.88
C VAL D 125 -20.74 -1.05 19.40
N SER D 126 -21.12 -2.09 18.67
CA SER D 126 -22.27 -2.91 18.99
C SER D 126 -21.88 -3.93 20.05
N SER D 127 -22.29 -3.69 21.30
CA SER D 127 -22.02 -4.63 22.38
C SER D 127 -22.61 -6.01 22.10
N GLY D 141 -8.34 9.76 38.51
CA GLY D 141 -7.80 9.74 39.85
C GLY D 141 -7.20 11.07 40.26
N SER D 142 -6.22 11.53 39.48
CA SER D 142 -5.60 12.83 39.68
C SER D 142 -6.14 13.89 38.72
N ASP D 143 -7.23 13.59 38.02
CA ASP D 143 -7.82 14.54 37.08
C ASP D 143 -8.47 15.71 37.81
N ILE D 144 -8.48 16.87 37.16
CA ILE D 144 -9.24 18.01 37.66
C ILE D 144 -10.70 17.81 37.27
N VAL D 145 -11.53 17.45 38.25
CA VAL D 145 -12.95 17.23 38.01
C VAL D 145 -13.67 18.57 38.09
N LEU D 146 -14.45 18.88 37.06
CA LEU D 146 -15.21 20.12 37.00
C LEU D 146 -16.65 19.81 37.35
N THR D 147 -17.09 20.30 38.51
CA THR D 147 -18.47 20.15 38.95
C THR D 147 -19.27 21.32 38.42
N GLN D 148 -20.09 21.07 37.40
CA GLN D 148 -20.88 22.12 36.76
C GLN D 148 -22.26 22.18 37.40
N SER D 149 -22.79 23.39 37.53
CA SER D 149 -24.08 23.64 38.14
C SER D 149 -24.74 24.78 37.39
N PRO D 150 -26.06 24.67 37.12
CA PRO D 150 -26.92 23.54 37.45
C PRO D 150 -26.97 22.46 36.37
N ALA D 151 -27.82 21.46 36.60
CA ALA D 151 -27.99 20.37 35.63
C ALA D 151 -28.66 20.85 34.35
N SER D 152 -29.57 21.82 34.46
CA SER D 152 -30.26 22.38 33.32
C SER D 152 -30.78 23.75 33.71
N LEU D 153 -31.32 24.47 32.73
CA LEU D 153 -31.79 25.82 32.98
C LEU D 153 -32.90 26.17 32.00
N THR D 154 -33.96 26.79 32.55
CA THR D 154 -35.08 27.30 31.77
C THR D 154 -35.26 28.76 32.16
N VAL D 155 -34.92 29.66 31.25
CA VAL D 155 -34.93 31.10 31.52
C VAL D 155 -35.81 31.78 30.48
N SER D 156 -36.58 32.78 30.92
CA SER D 156 -37.37 33.58 29.99
C SER D 156 -36.48 34.52 29.20
N LEU D 157 -37.02 35.04 28.10
CA LEU D 157 -36.28 35.96 27.27
C LEU D 157 -35.94 37.24 28.03
N GLY D 158 -34.67 37.64 27.97
CA GLY D 158 -34.20 38.85 28.60
C GLY D 158 -33.66 38.67 30.01
N GLN D 159 -33.98 37.54 30.66
CA GLN D 159 -33.54 37.31 32.02
C GLN D 159 -32.10 36.81 32.03
N ARG D 160 -31.60 36.52 33.24
N ARG D 160 -31.58 36.56 33.23
CA ARG D 160 -30.20 36.17 33.45
CA ARG D 160 -30.19 36.17 33.42
C ARG D 160 -30.06 34.67 33.69
C ARG D 160 -30.10 34.66 33.63
N ALA D 161 -29.12 34.05 32.99
CA ALA D 161 -28.80 32.63 33.17
C ALA D 161 -27.39 32.52 33.69
N THR D 162 -27.21 31.77 34.78
CA THR D 162 -25.92 31.65 35.45
C THR D 162 -25.53 30.18 35.55
N ILE D 163 -24.39 29.84 34.98
CA ILE D 163 -23.82 28.50 35.06
C ILE D 163 -22.48 28.59 35.79
N SER D 164 -22.31 27.78 36.82
CA SER D 164 -21.12 27.82 37.65
C SER D 164 -20.28 26.56 37.47
N CYS D 165 -19.02 26.66 37.90
CA CYS D 165 -18.09 25.53 37.81
C CYS D 165 -17.16 25.57 39.01
N ARG D 166 -17.05 24.43 39.68
CA ARG D 166 -16.04 24.23 40.73
C ARG D 166 -15.07 23.16 40.27
N ALA D 167 -13.80 23.53 40.17
CA ALA D 167 -12.77 22.54 39.86
C ALA D 167 -12.33 21.84 41.13
N SER D 168 -11.99 20.55 41.00
CA SER D 168 -11.54 19.79 42.16
C SER D 168 -10.25 20.33 42.74
N GLU D 169 -9.51 21.12 41.97
CA GLU D 169 -8.31 21.78 42.46
C GLU D 169 -8.03 22.97 41.56
N SER D 170 -7.06 23.80 41.96
CA SER D 170 -6.83 25.07 41.28
C SER D 170 -6.40 24.85 39.83
N VAL D 171 -7.06 25.56 38.91
CA VAL D 171 -6.66 25.60 37.52
C VAL D 171 -5.84 26.84 37.20
N ASP D 172 -5.38 27.56 38.22
CA ASP D 172 -4.52 28.72 38.02
C ASP D 172 -3.09 28.26 37.77
N TYR D 173 -2.41 28.94 36.85
CA TYR D 173 -1.00 28.68 36.57
C TYR D 173 -0.33 30.01 36.27
N TYR D 174 0.49 30.47 37.20
CA TYR D 174 1.24 31.73 37.05
C TYR D 174 0.31 32.90 36.78
N GLY D 175 -0.69 33.05 37.65
CA GLY D 175 -1.59 34.19 37.61
C GLY D 175 -2.72 34.11 36.60
N LYS D 176 -2.78 33.07 35.78
CA LYS D 176 -3.84 32.92 34.79
C LYS D 176 -4.72 31.73 35.16
N SER D 177 -6.02 31.87 34.90
CA SER D 177 -7.00 30.81 35.14
C SER D 177 -7.29 30.12 33.82
N PHE D 178 -6.91 28.84 33.74
CA PHE D 178 -7.08 28.05 32.51
C PHE D 178 -8.46 27.41 32.48
N MET D 179 -9.48 28.27 32.43
CA MET D 179 -10.88 27.86 32.37
C MET D 179 -11.51 28.37 31.09
N ASN D 180 -12.23 27.49 30.39
CA ASN D 180 -12.86 27.81 29.12
C ASN D 180 -14.31 27.36 29.14
N TRP D 181 -15.12 28.03 28.31
CA TRP D 181 -16.55 27.76 28.19
C TRP D 181 -16.93 27.54 26.74
N TYR D 182 -17.76 26.53 26.50
CA TYR D 182 -18.18 26.17 25.16
C TYR D 182 -19.70 26.12 25.08
N GLN D 183 -20.22 26.44 23.89
CA GLN D 183 -21.64 26.38 23.59
C GLN D 183 -21.85 25.34 22.49
N GLN D 184 -22.84 24.46 22.67
CA GLN D 184 -23.13 23.44 21.67
C GLN D 184 -24.62 23.36 21.44
N LYS D 185 -25.06 23.62 20.23
CA LYS D 185 -26.43 23.43 19.80
C LYS D 185 -26.58 22.06 19.13
N PRO D 186 -27.78 21.47 19.17
CA PRO D 186 -27.94 20.12 18.63
C PRO D 186 -27.59 20.05 17.15
N GLY D 187 -26.88 18.99 16.77
CA GLY D 187 -26.42 18.81 15.41
C GLY D 187 -25.18 19.60 15.04
N GLN D 188 -24.61 20.33 15.99
CA GLN D 188 -23.44 21.16 15.75
C GLN D 188 -22.34 20.82 16.76
N PRO D 189 -21.08 21.06 16.41
CA PRO D 189 -20.01 20.85 17.37
C PRO D 189 -19.99 21.95 18.42
N PRO D 190 -19.25 21.77 19.52
CA PRO D 190 -19.10 22.86 20.49
C PRO D 190 -18.41 24.05 19.86
N LYS D 191 -18.83 25.25 20.27
CA LYS D 191 -18.22 26.48 19.81
C LYS D 191 -17.70 27.26 21.01
N LEU D 192 -16.49 27.80 20.86
CA LEU D 192 -15.82 28.48 21.97
C LEU D 192 -16.54 29.78 22.32
N LEU D 193 -16.87 29.92 23.62
CA LEU D 193 -17.48 31.15 24.11
C LEU D 193 -16.45 32.00 24.84
N ILE D 194 -15.93 31.48 25.95
CA ILE D 194 -14.98 32.18 26.80
C ILE D 194 -13.72 31.34 26.91
N TYR D 195 -12.56 32.00 26.82
CA TYR D 195 -11.28 31.38 27.09
C TYR D 195 -10.58 32.19 28.18
N ALA D 196 -9.69 31.52 28.92
CA ALA D 196 -8.93 32.14 30.00
C ALA D 196 -9.87 32.79 31.03
N ALA D 197 -10.89 32.02 31.43
CA ALA D 197 -11.83 32.38 32.49
C ALA D 197 -12.74 33.56 32.14
N SER D 198 -12.18 34.63 31.57
CA SER D 198 -12.95 35.85 31.38
C SER D 198 -12.82 36.49 30.01
N ASN D 199 -12.03 35.92 29.09
CA ASN D 199 -11.81 36.53 27.80
C ASN D 199 -12.81 36.01 26.77
N GLN D 200 -13.24 36.90 25.88
CA GLN D 200 -14.29 36.59 24.92
C GLN D 200 -13.70 36.01 23.64
N GLY D 201 -14.36 34.97 23.13
CA GLY D 201 -13.92 34.33 21.91
C GLY D 201 -14.14 35.20 20.68
N SER D 202 -13.86 34.61 19.52
CA SER D 202 -14.00 35.33 18.26
C SER D 202 -15.47 35.60 17.97
N GLY D 203 -15.84 36.87 17.92
CA GLY D 203 -17.20 37.28 17.61
C GLY D 203 -18.25 36.72 18.55
N ILE D 204 -17.92 36.61 19.84
CA ILE D 204 -18.87 36.16 20.86
C ILE D 204 -19.48 37.39 21.49
N PRO D 205 -20.80 37.53 21.52
CA PRO D 205 -21.41 38.75 22.06
C PRO D 205 -21.05 38.96 23.52
N ALA D 206 -20.99 40.23 23.92
CA ALA D 206 -20.61 40.58 25.27
C ALA D 206 -21.62 40.11 26.32
N ARG D 207 -22.82 39.72 25.90
CA ARG D 207 -23.80 39.24 26.88
C ARG D 207 -23.35 37.93 27.50
N PHE D 208 -22.38 37.25 26.88
CA PHE D 208 -21.72 36.10 27.49
C PHE D 208 -20.53 36.64 28.28
N SER D 209 -20.49 36.37 29.57
CA SER D 209 -19.47 36.93 30.45
C SER D 209 -18.97 35.85 31.40
N GLY D 210 -17.68 35.57 31.34
CA GLY D 210 -17.04 34.63 32.24
C GLY D 210 -16.28 35.35 33.34
N SER D 211 -16.23 34.72 34.52
CA SER D 211 -15.51 35.29 35.65
C SER D 211 -15.07 34.14 36.54
N GLY D 212 -14.30 34.48 37.57
CA GLY D 212 -13.83 33.51 38.54
C GLY D 212 -12.31 33.37 38.48
N SER D 213 -11.80 32.57 39.41
CA SER D 213 -10.38 32.34 39.53
C SER D 213 -10.17 31.14 40.45
N GLY D 214 -9.02 30.50 40.30
CA GLY D 214 -8.69 29.36 41.12
C GLY D 214 -9.57 28.16 40.84
N THR D 215 -10.56 27.92 41.71
CA THR D 215 -11.43 26.77 41.58
C THR D 215 -12.89 27.11 41.27
N ASP D 216 -13.29 28.37 41.42
CA ASP D 216 -14.68 28.76 41.23
C ASP D 216 -14.81 29.68 40.03
N PHE D 217 -15.68 29.31 39.09
CA PHE D 217 -15.88 30.07 37.86
C PHE D 217 -17.37 30.13 37.54
N THR D 218 -17.75 31.15 36.78
CA THR D 218 -19.13 31.40 36.44
C THR D 218 -19.24 31.87 35.00
N LEU D 219 -20.28 31.41 34.31
CA LEU D 219 -20.66 31.91 33.00
C LEU D 219 -22.02 32.57 33.13
N ASN D 220 -22.11 33.85 32.78
CA ASN D 220 -23.35 34.60 32.83
C ASN D 220 -23.80 34.95 31.42
N ILE D 221 -25.07 34.67 31.13
CA ILE D 221 -25.69 35.03 29.87
C ILE D 221 -26.82 36.00 30.20
N HIS D 222 -26.67 37.26 29.79
CA HIS D 222 -27.63 38.30 30.13
C HIS D 222 -27.48 39.45 29.14
N PRO D 223 -28.54 39.79 28.38
CA PRO D 223 -29.84 39.10 28.43
C PRO D 223 -29.91 37.87 27.52
N VAL D 224 -30.54 36.81 28.02
CA VAL D 224 -30.67 35.58 27.26
C VAL D 224 -31.57 35.84 26.06
N GLU D 225 -31.14 35.42 24.88
CA GLU D 225 -31.98 35.51 23.70
C GLU D 225 -32.38 34.13 23.22
N GLU D 226 -33.30 34.12 22.25
CA GLU D 226 -33.86 32.87 21.75
C GLU D 226 -32.78 31.95 21.19
N GLU D 227 -31.80 32.52 20.47
CA GLU D 227 -30.73 31.72 19.87
C GLU D 227 -29.76 31.15 20.90
N ASP D 228 -29.81 31.60 22.15
CA ASP D 228 -28.92 31.09 23.19
C ASP D 228 -29.33 29.73 23.72
N ALA D 229 -30.42 29.14 23.23
CA ALA D 229 -30.85 27.82 23.66
C ALA D 229 -29.87 26.77 23.16
N ALA D 230 -29.11 26.17 24.08
CA ALA D 230 -28.07 25.21 23.74
C ALA D 230 -27.59 24.56 25.04
N THR D 231 -26.57 23.71 24.91
CA THR D 231 -25.91 23.08 26.05
C THR D 231 -24.54 23.71 26.23
N TYR D 232 -24.22 24.10 27.47
CA TYR D 232 -23.00 24.82 27.78
C TYR D 232 -22.09 23.95 28.65
N TYR D 233 -20.79 23.96 28.35
CA TYR D 233 -19.81 23.17 29.06
C TYR D 233 -18.65 24.04 29.52
N CYS D 234 -18.20 23.82 30.74
CA CYS D 234 -16.93 24.37 31.19
C CYS D 234 -15.82 23.37 30.89
N GLN D 235 -14.60 23.89 30.71
CA GLN D 235 -13.45 23.06 30.41
C GLN D 235 -12.20 23.71 30.98
N GLN D 236 -11.38 22.92 31.67
CA GLN D 236 -10.10 23.40 32.17
C GLN D 236 -8.99 22.92 31.23
N SER D 237 -8.06 23.82 30.95
CA SER D 237 -6.93 23.54 30.08
C SER D 237 -5.59 23.78 30.76
N LYS D 238 -5.52 23.52 32.08
CA LYS D 238 -4.25 23.68 32.80
C LYS D 238 -3.42 22.41 32.77
N GLU D 239 -4.05 21.26 33.04
CA GLU D 239 -3.35 20.00 33.12
C GLU D 239 -3.95 18.98 32.17
N VAL D 240 -3.11 18.06 31.72
CA VAL D 240 -3.56 16.91 30.93
C VAL D 240 -4.03 15.82 31.89
N PRO D 241 -5.21 15.22 31.65
CA PRO D 241 -6.10 15.42 30.51
C PRO D 241 -6.97 16.67 30.59
N TRP D 242 -7.28 17.25 29.43
CA TRP D 242 -8.37 18.20 29.32
C TRP D 242 -9.66 17.53 29.80
N THR D 243 -10.38 18.22 30.68
CA THR D 243 -11.62 17.69 31.25
C THR D 243 -12.74 18.68 31.05
N PHE D 244 -13.97 18.17 30.97
CA PHE D 244 -15.15 18.96 30.70
C PHE D 244 -16.14 18.86 31.85
N GLY D 245 -16.96 19.89 32.00
CA GLY D 245 -18.10 19.79 32.87
C GLY D 245 -19.18 18.89 32.29
N ALA D 246 -20.11 18.49 33.17
CA ALA D 246 -21.18 17.57 32.74
C ALA D 246 -22.14 18.23 31.75
N GLY D 247 -22.19 19.56 31.71
CA GLY D 247 -23.02 20.26 30.76
C GLY D 247 -24.30 20.81 31.40
N THR D 248 -24.76 21.94 30.85
CA THR D 248 -25.99 22.58 31.32
C THR D 248 -26.83 22.95 30.10
N LYS D 249 -28.00 22.34 29.98
CA LYS D 249 -28.91 22.63 28.88
C LYS D 249 -29.76 23.85 29.21
N LEU D 250 -29.62 24.90 28.41
CA LEU D 250 -30.36 26.14 28.60
C LEU D 250 -31.58 26.12 27.67
N GLU D 251 -32.77 26.29 28.24
CA GLU D 251 -34.00 26.38 27.47
C GLU D 251 -34.67 27.72 27.76
N ILE D 252 -35.55 28.13 26.85
CA ILE D 252 -36.28 29.39 26.97
C ILE D 252 -37.70 29.08 27.39
N LYS D 253 -38.15 29.71 28.49
CA LYS D 253 -39.52 29.55 28.93
C LYS D 253 -40.49 30.10 27.90
N ARG D 254 -41.62 29.42 27.74
CA ARG D 254 -42.64 29.85 26.79
C ARG D 254 -43.71 30.70 27.47
N MET E 1 -24.25 -17.33 14.69
CA MET E 1 -24.79 -17.99 13.51
C MET E 1 -23.87 -19.13 13.06
N SER E 2 -24.36 -19.96 12.14
CA SER E 2 -23.58 -21.07 11.61
C SER E 2 -22.79 -20.64 10.38
N LEU E 3 -21.52 -21.02 10.33
CA LEU E 3 -20.66 -20.72 9.18
C LEU E 3 -20.40 -21.98 8.40
N PRO E 4 -21.08 -22.19 7.27
CA PRO E 4 -20.96 -23.46 6.54
C PRO E 4 -19.51 -23.78 6.17
N GLY E 5 -19.09 -25.00 6.48
CA GLY E 5 -17.74 -25.45 6.23
C GLY E 5 -16.71 -24.98 7.22
N ARG E 6 -17.12 -24.27 8.28
CA ARG E 6 -16.16 -23.67 9.19
C ARG E 6 -16.56 -23.88 10.65
N TRP E 7 -17.78 -23.53 11.02
CA TRP E 7 -18.18 -23.54 12.42
C TRP E 7 -19.66 -23.84 12.58
N LYS E 8 -19.98 -24.66 13.57
CA LYS E 8 -21.37 -24.95 13.92
C LYS E 8 -21.57 -24.90 15.43
N PRO E 9 -22.29 -23.90 15.93
CA PRO E 9 -22.44 -23.75 17.38
C PRO E 9 -23.37 -24.81 17.94
N LYS E 10 -23.22 -25.05 19.24
CA LYS E 10 -24.06 -26.00 19.93
C LYS E 10 -25.08 -25.29 20.80
N MET F 1 42.46 -8.39 1.82
CA MET F 1 42.93 -9.02 0.59
C MET F 1 41.89 -8.81 -0.51
N SER F 2 42.23 -9.19 -1.74
CA SER F 2 41.29 -9.08 -2.84
C SER F 2 40.42 -10.33 -2.91
N LEU F 3 39.11 -10.13 -3.05
CA LEU F 3 38.15 -11.23 -3.15
C LEU F 3 37.62 -11.31 -4.58
N PRO F 4 38.06 -12.28 -5.38
CA PRO F 4 37.69 -12.31 -6.79
C PRO F 4 36.17 -12.32 -6.97
N GLY F 5 35.72 -11.55 -7.97
CA GLY F 5 34.31 -11.42 -8.25
C GLY F 5 33.52 -10.65 -7.21
N ARG F 6 34.17 -10.08 -6.19
CA ARG F 6 33.45 -9.44 -5.09
C ARG F 6 34.05 -8.10 -4.71
N TRP F 7 35.35 -8.06 -4.46
CA TRP F 7 36.00 -6.87 -3.92
C TRP F 7 37.44 -6.79 -4.40
N LYS F 8 37.88 -5.57 -4.72
CA LYS F 8 39.26 -5.30 -5.11
C LYS F 8 39.76 -4.09 -4.33
N PRO F 9 40.66 -4.26 -3.37
CA PRO F 9 41.08 -3.13 -2.53
C PRO F 9 41.97 -2.15 -3.28
N LYS F 10 41.99 -0.92 -2.76
CA LYS F 10 42.80 0.17 -3.30
C LYS F 10 42.64 0.34 -4.81
N MET G 1 6.97 27.81 33.14
CA MET G 1 7.39 26.69 32.29
C MET G 1 6.45 26.60 31.08
N SER G 2 6.81 25.80 30.08
CA SER G 2 5.99 25.60 28.89
C SER G 2 5.03 24.43 29.08
N LEU G 3 3.76 24.67 28.76
CA LEU G 3 2.71 23.65 28.75
C LEU G 3 2.33 23.43 27.29
N PRO G 4 2.76 22.33 26.67
CA PRO G 4 2.66 22.20 25.20
C PRO G 4 1.29 22.48 24.61
N GLY G 5 0.28 21.73 25.01
CA GLY G 5 -1.04 21.96 24.46
C GLY G 5 -1.81 23.08 25.13
N ARG G 6 -1.18 23.82 26.02
CA ARG G 6 -1.92 24.72 26.91
C ARG G 6 -1.34 26.14 26.99
N TRP G 7 -0.03 26.26 27.24
CA TRP G 7 0.56 27.57 27.47
C TRP G 7 2.01 27.58 26.99
N LYS G 8 2.40 28.67 26.36
CA LYS G 8 3.78 28.91 25.91
C LYS G 8 4.20 30.28 26.41
N PRO G 9 5.11 30.36 27.36
CA PRO G 9 5.46 31.67 27.95
C PRO G 9 6.28 32.51 26.98
N LYS G 10 6.25 33.82 27.25
CA LYS G 10 6.96 34.83 26.47
C LYS G 10 6.58 34.80 25.00
N MET H 1 -21.37 28.49 -8.76
CA MET H 1 -21.83 27.69 -9.89
C MET H 1 -21.08 26.37 -10.01
N SER H 2 -21.59 25.51 -10.87
CA SER H 2 -20.92 24.26 -11.21
C SER H 2 -20.02 24.51 -12.42
N LEU H 3 -18.77 24.06 -12.33
CA LEU H 3 -17.85 24.18 -13.46
C LEU H 3 -17.58 22.80 -14.04
N PRO H 4 -18.23 22.44 -15.14
CA PRO H 4 -18.10 21.06 -15.67
C PRO H 4 -16.66 20.68 -15.95
N GLY H 5 -16.25 19.54 -15.40
CA GLY H 5 -14.90 19.05 -15.55
C GLY H 5 -13.88 19.69 -14.63
N ARG H 6 -14.30 20.57 -13.73
CA ARG H 6 -13.37 21.34 -12.91
C ARG H 6 -13.80 21.34 -11.45
N TRP H 7 -15.06 21.72 -11.20
CA TRP H 7 -15.54 21.89 -9.84
C TRP H 7 -17.03 21.55 -9.81
N LYS H 8 -17.43 20.83 -8.77
CA LYS H 8 -18.83 20.46 -8.55
C LYS H 8 -19.18 20.72 -7.10
N PRO H 9 -20.03 21.70 -6.79
CA PRO H 9 -20.30 22.01 -5.39
C PRO H 9 -21.11 20.91 -4.71
N LYS H 10 -20.99 20.86 -3.38
CA LYS H 10 -21.64 19.86 -2.54
C LYS H 10 -22.77 20.44 -1.69
#